data_6L1J
#
_entry.id   6L1J
#
_cell.length_a   100.815
_cell.length_b   100.815
_cell.length_c   182.334
_cell.angle_alpha   90.000
_cell.angle_beta   90.000
_cell.angle_gamma   90.000
#
_symmetry.space_group_name_H-M   'P 43 21 2'
#
loop_
_entity.id
_entity.type
_entity.pdbx_description
1 polymer 'BETA-D-GLUCAN GLUCOHYDROLASE ISOENZYME EXO1'
2 non-polymer 2-acetamido-2-deoxy-beta-D-glucopyranose
3 non-polymer "4'-NITROPHENYL-S-(BETA-D-GLUCOPYRANOSYL)-(1-3)-(3-THIO-BETA-D-GLUCOPYRANOSYL)-(1-3)-BETA-D-GLUCOPYRANOSIDE"
4 non-polymer 'ACETATE ION'
5 non-polymer GLYCEROL
6 non-polymer 'SULFATE ION'
7 non-polymer 'PENTAETHYLENE GLYCOL'
8 water water
#
_entity_poly.entity_id   1
_entity_poly.type   'polypeptide(L)'
_entity_poly.pdbx_seq_one_letter_code
;HHAADYVLYKDATKPVEDRVADLLGRMTLAEKIGQMTQIERLVATPDVLRDNFIGSLLSGGGSVPRKGATAKEWQDMVDG
FQKACMSTRLGIPMIYGIDAVHGQNNVYGATIFPHNVGLGATRDPYLVKRIGEATALEVRATGIQYAFAPCIAVCRDPRW
GRCYESYSEDRRIVQSMTELIPGLQGDVPKDFTSGMPFVAGKNKVAACAKHFVGDGGTVDGINENNTIINREGLMNIHMP
AYKNAMDKGVSTVMISYSSWNGVKMHANQDLVTGYLKDTLKFKGFVISDWEGIDRITTPAGSDYSYSVKASILAGLDMIM
VPNKYQQFISILTGHVNGGVIPMSRIDDAVTRILRVKFTMGLFENPYADPAMAEQLGKQEHRDLAREAARKSLVLLKNGK
TSTDAPLLPLPKKAPKILVAGSHADNLGYQCGGWTIEAQGDTGRTTVGTTILEAVKAAVDPSTVVVFAENPDAEFVKSGG
FSYAIVAVGEHPYTETKGDNLNLTIPEPGLSTVQAVCGGVRCATVLISGRPVVVQPLLAASDALVAAWLPGSEGQGVTDA
LFGDFGFTGRLPRTWFKSVDQLPMNVGDAHYDPLFRLGYGLTTNATKKY
;
_entity_poly.pdbx_strand_id   A
#
loop_
_chem_comp.id
_chem_comp.type
_chem_comp.name
_chem_comp.formula
1PE non-polymer 'PENTAETHYLENE GLYCOL' 'C10 H22 O6'
ACT non-polymer 'ACETATE ION' 'C2 H3 O2 -1'
GOL non-polymer GLYCEROL 'C3 H8 O3'
LAM non-polymer 4'-NITROPHENYL-S-(BETA-D-GLUCOPYRANOSYL)-(1-3)-(3-THIO-BETA-D-GLUCOPYRANOSYL)-(1-3)-BETA-D-GLUCOPYRANOSIDE 'C24 H35 N O17 S'
NAG D-saccharide, beta linking 2-acetamido-2-deoxy-beta-D-glucopyranose 'C8 H15 N O6'
SO4 non-polymer 'SULFATE ION' 'O4 S -2'
#
# COMPACT_ATOMS: atom_id res chain seq x y z
N HIS A 2 -28.65 -15.40 -30.31
CA HIS A 2 -29.25 -16.29 -31.29
C HIS A 2 -29.75 -17.63 -30.70
N ALA A 3 -29.22 -18.51 -29.83
CA ALA A 3 -29.87 -19.61 -29.12
C ALA A 3 -31.17 -19.13 -28.47
N ALA A 4 -32.14 -20.02 -28.30
CA ALA A 4 -33.42 -19.68 -27.67
C ALA A 4 -33.32 -19.29 -26.19
N ASP A 5 -32.29 -19.77 -25.49
CA ASP A 5 -32.09 -19.42 -24.07
C ASP A 5 -31.09 -18.24 -23.90
N TYR A 6 -30.99 -17.39 -24.91
CA TYR A 6 -30.06 -16.24 -24.90
C TYR A 6 -30.39 -15.27 -23.75
N VAL A 7 -29.36 -14.80 -23.06
CA VAL A 7 -29.49 -13.79 -22.02
C VAL A 7 -28.43 -12.72 -22.33
N LEU A 8 -28.86 -11.51 -22.65
CA LEU A 8 -27.97 -10.46 -23.13
C LEU A 8 -26.77 -10.24 -22.18
N TYR A 9 -27.00 -10.16 -20.87
CA TYR A 9 -25.87 -9.85 -19.96
C TYR A 9 -24.76 -10.89 -20.00
N LYS A 10 -25.10 -12.13 -20.41
CA LYS A 10 -24.09 -13.21 -20.51
C LYS A 10 -23.32 -13.20 -21.83
N ASP A 11 -23.69 -12.29 -22.74
CA ASP A 11 -23.08 -12.22 -24.07
C ASP A 11 -21.84 -11.30 -24.04
N ALA A 12 -20.66 -11.90 -24.11
CA ALA A 12 -19.40 -11.16 -24.07
C ALA A 12 -19.17 -10.14 -25.21
N THR A 13 -19.90 -10.26 -26.32
CA THR A 13 -19.76 -9.33 -27.44
C THR A 13 -20.55 -8.04 -27.26
N LYS A 14 -21.41 -7.97 -26.25
CA LYS A 14 -22.26 -6.79 -26.05
C LYS A 14 -21.55 -5.68 -25.26
N PRO A 15 -21.93 -4.41 -25.50
CA PRO A 15 -21.40 -3.27 -24.77
C PRO A 15 -21.60 -3.42 -23.27
N VAL A 16 -20.61 -3.00 -22.49
CA VAL A 16 -20.72 -3.08 -21.05
C VAL A 16 -21.99 -2.43 -20.52
N GLU A 17 -22.33 -1.22 -20.96
CA GLU A 17 -23.52 -0.57 -20.39
C GLU A 17 -24.82 -1.33 -20.68
N ASP A 18 -24.90 -1.96 -21.85
CA ASP A 18 -26.06 -2.76 -22.19
C ASP A 18 -26.14 -4.00 -21.31
N ARG A 19 -24.99 -4.63 -21.06
CA ARG A 19 -24.93 -5.77 -20.14
C ARG A 19 -25.32 -5.39 -18.70
N VAL A 20 -24.81 -4.25 -18.23
CA VAL A 20 -25.18 -3.73 -16.90
C VAL A 20 -26.69 -3.51 -16.79
N ALA A 21 -27.27 -2.80 -17.76
CA ALA A 21 -28.69 -2.51 -17.72
C ALA A 21 -29.52 -3.78 -17.81
N ASP A 22 -29.09 -4.71 -18.65
CA ASP A 22 -29.82 -5.97 -18.84
C ASP A 22 -29.87 -6.79 -17.56
N LEU A 23 -28.73 -6.90 -16.88
CA LEU A 23 -28.67 -7.66 -15.63
C LEU A 23 -29.43 -6.93 -14.52
N LEU A 24 -29.20 -5.63 -14.38
CA LEU A 24 -29.85 -4.85 -13.31
C LEU A 24 -31.38 -5.00 -13.34
N GLY A 25 -31.94 -4.95 -14.55
CA GLY A 25 -33.38 -5.02 -14.73
C GLY A 25 -33.99 -6.37 -14.32
N ARG A 26 -33.16 -7.39 -14.17
CA ARG A 26 -33.60 -8.72 -13.77
C ARG A 26 -33.47 -8.98 -12.28
N MET A 27 -32.78 -8.09 -11.55
CA MET A 27 -32.41 -8.39 -10.16
C MET A 27 -33.49 -8.07 -9.11
N THR A 28 -33.62 -8.95 -8.13
CA THR A 28 -34.42 -8.67 -6.95
C THR A 28 -33.68 -7.74 -6.02
N LEU A 29 -34.41 -7.18 -5.07
CA LEU A 29 -33.80 -6.33 -4.04
C LEU A 29 -32.69 -7.09 -3.29
N ALA A 30 -32.97 -8.32 -2.91
CA ALA A 30 -31.95 -9.14 -2.24
C ALA A 30 -30.67 -9.33 -3.10
N GLU A 31 -30.86 -9.53 -4.41
CA GLU A 31 -29.71 -9.69 -5.33
C GLU A 31 -28.94 -8.40 -5.43
N LYS A 32 -29.64 -7.26 -5.39
CA LYS A 32 -29.01 -5.95 -5.48
C LYS A 32 -28.21 -5.64 -4.24
N ILE A 33 -28.82 -5.80 -3.07
CA ILE A 33 -28.14 -5.53 -1.81
C ILE A 33 -26.97 -6.49 -1.59
N GLY A 34 -27.10 -7.72 -2.06
CA GLY A 34 -26.00 -8.67 -2.03
C GLY A 34 -24.76 -8.16 -2.79
N GLN A 35 -24.94 -7.59 -3.97
CA GLN A 35 -23.81 -7.03 -4.70
C GLN A 35 -23.06 -5.97 -3.90
N MET A 36 -23.80 -5.20 -3.11
CA MET A 36 -23.26 -4.12 -2.32
C MET A 36 -22.55 -4.58 -1.05
N THR A 37 -22.55 -5.89 -0.80
CA THR A 37 -22.00 -6.46 0.40
C THR A 37 -20.67 -7.16 0.15
N GLN A 38 -19.60 -6.70 0.84
CA GLN A 38 -18.32 -7.39 0.83
C GLN A 38 -18.04 -8.01 2.20
N ILE A 39 -17.66 -9.29 2.21
CA ILE A 39 -17.41 -9.98 3.47
C ILE A 39 -16.01 -10.57 3.54
N GLU A 40 -15.54 -10.78 4.76
CA GLU A 40 -14.27 -11.47 5.01
C GLU A 40 -14.37 -12.91 4.58
N ARG A 41 -13.30 -13.43 3.95
CA ARG A 41 -13.23 -14.89 3.74
C ARG A 41 -13.46 -15.64 5.05
N LEU A 42 -13.04 -15.09 6.19
CA LEU A 42 -13.21 -15.77 7.47
C LEU A 42 -14.66 -16.06 7.83
N VAL A 43 -15.61 -15.32 7.29
CA VAL A 43 -17.04 -15.58 7.58
C VAL A 43 -17.77 -16.16 6.36
N ALA A 44 -17.05 -16.43 5.28
CA ALA A 44 -17.67 -16.93 4.06
C ALA A 44 -17.80 -18.45 4.05
N THR A 45 -18.89 -18.93 3.49
CA THR A 45 -19.07 -20.36 3.21
C THR A 45 -19.86 -20.41 1.92
N PRO A 46 -19.89 -21.58 1.26
CA PRO A 46 -20.71 -21.66 0.05
C PRO A 46 -22.17 -21.25 0.23
N ASP A 47 -22.82 -21.69 1.30
CA ASP A 47 -24.22 -21.32 1.53
C ASP A 47 -24.40 -19.83 1.80
N VAL A 48 -23.47 -19.24 2.57
CA VAL A 48 -23.58 -17.82 2.90
C VAL A 48 -23.49 -17.02 1.63
N LEU A 49 -22.52 -17.38 0.79
CA LEU A 49 -22.32 -16.65 -0.46
C LEU A 49 -23.53 -16.78 -1.41
N ARG A 50 -24.14 -17.97 -1.50
CA ARG A 50 -25.35 -18.20 -2.34
C ARG A 50 -26.56 -17.53 -1.78
N ASP A 51 -26.82 -17.80 -0.50
CA ASP A 51 -28.07 -17.40 0.12
C ASP A 51 -28.23 -15.90 0.24
N ASN A 52 -27.10 -15.19 0.42
CA ASN A 52 -27.11 -13.74 0.52
C ASN A 52 -26.65 -13.00 -0.76
N PHE A 53 -26.42 -13.75 -1.83
CA PHE A 53 -26.11 -13.18 -3.16
C PHE A 53 -24.91 -12.20 -3.08
N ILE A 54 -23.90 -12.60 -2.33
CA ILE A 54 -22.76 -11.75 -1.96
C ILE A 54 -21.98 -11.32 -3.17
N GLY A 55 -21.62 -10.03 -3.19
CA GLY A 55 -20.94 -9.40 -4.33
C GLY A 55 -19.43 -9.45 -4.28
N SER A 56 -18.85 -9.53 -3.09
CA SER A 56 -17.41 -9.41 -2.96
C SER A 56 -16.91 -10.06 -1.69
N LEU A 57 -15.66 -10.53 -1.75
CA LEU A 57 -14.94 -10.99 -0.56
C LEU A 57 -13.65 -10.25 -0.47
N LEU A 58 -13.09 -10.23 0.75
CA LEU A 58 -11.71 -9.77 0.93
C LEU A 58 -10.95 -10.64 1.91
N SER A 59 -9.63 -10.56 1.78
CA SER A 59 -8.71 -10.90 2.86
C SER A 59 -8.24 -9.60 3.48
N GLY A 60 -8.51 -9.42 4.76
CA GLY A 60 -7.82 -8.38 5.52
C GLY A 60 -6.38 -8.79 5.76
N GLY A 61 -5.59 -7.92 6.37
CA GLY A 61 -4.21 -8.25 6.68
C GLY A 61 -4.11 -9.56 7.45
N GLY A 62 -3.29 -10.47 6.96
CA GLY A 62 -3.06 -11.76 7.61
C GLY A 62 -4.18 -12.77 7.45
N SER A 63 -5.19 -12.46 6.64
CA SER A 63 -6.31 -13.39 6.45
C SER A 63 -5.98 -14.32 5.28
N VAL A 64 -5.44 -15.48 5.60
CA VAL A 64 -4.82 -16.38 4.63
C VAL A 64 -5.34 -17.82 4.82
N PRO A 65 -5.34 -18.64 3.76
CA PRO A 65 -5.90 -19.99 3.90
C PRO A 65 -5.12 -20.84 4.89
N ARG A 66 -3.82 -20.61 4.91
CA ARG A 66 -2.98 -21.03 6.01
C ARG A 66 -1.60 -20.41 5.91
N LYS A 67 -0.81 -20.55 6.97
CA LYS A 67 0.53 -19.97 6.94
C LYS A 67 1.30 -20.73 5.88
N GLY A 68 2.08 -20.00 5.10
CA GLY A 68 2.92 -20.63 4.09
C GLY A 68 2.18 -21.17 2.88
N ALA A 69 0.93 -20.78 2.67
CA ALA A 69 0.13 -21.32 1.54
C ALA A 69 0.79 -21.00 0.20
N THR A 70 0.73 -21.96 -0.69
CA THR A 70 1.22 -21.81 -2.06
C THR A 70 0.24 -20.95 -2.87
N ALA A 71 0.72 -20.49 -4.03
CA ALA A 71 -0.16 -19.77 -4.97
C ALA A 71 -1.37 -20.61 -5.36
N LYS A 72 -1.14 -21.90 -5.61
CA LYS A 72 -2.25 -22.79 -5.94
C LYS A 72 -3.27 -22.90 -4.80
N GLU A 73 -2.83 -22.92 -3.56
CA GLU A 73 -3.80 -22.98 -2.43
C GLU A 73 -4.68 -21.74 -2.42
N TRP A 74 -4.09 -20.59 -2.71
CA TRP A 74 -4.87 -19.36 -2.81
C TRP A 74 -5.85 -19.46 -3.96
N GLN A 75 -5.41 -19.92 -5.13
CA GLN A 75 -6.32 -20.04 -6.28
C GLN A 75 -7.50 -20.97 -5.96
N ASP A 76 -7.20 -22.09 -5.32
CA ASP A 76 -8.26 -23.07 -4.97
C ASP A 76 -9.29 -22.46 -4.00
N MET A 77 -8.82 -21.66 -3.02
CA MET A 77 -9.69 -21.02 -2.07
C MET A 77 -10.61 -20.02 -2.79
N VAL A 78 -10.02 -19.16 -3.60
CA VAL A 78 -10.78 -18.15 -4.32
C VAL A 78 -11.79 -18.79 -5.27
N ASP A 79 -11.33 -19.80 -6.03
CA ASP A 79 -12.23 -20.51 -6.93
C ASP A 79 -13.37 -21.21 -6.19
N GLY A 80 -13.11 -21.76 -5.01
CA GLY A 80 -14.19 -22.39 -4.21
C GLY A 80 -15.29 -21.38 -3.86
N PHE A 81 -14.91 -20.15 -3.48
CA PHE A 81 -15.86 -19.10 -3.20
C PHE A 81 -16.60 -18.71 -4.52
N GLN A 82 -15.86 -18.60 -5.61
CA GLN A 82 -16.45 -18.17 -6.88
C GLN A 82 -17.46 -19.22 -7.36
N LYS A 83 -17.15 -20.49 -7.15
CA LYS A 83 -18.07 -21.56 -7.60
C LYS A 83 -19.44 -21.38 -6.93
N ALA A 84 -19.43 -21.02 -5.66
CA ALA A 84 -20.66 -20.78 -4.92
C ALA A 84 -21.42 -19.58 -5.50
N CYS A 85 -20.72 -18.47 -5.78
CA CYS A 85 -21.35 -17.29 -6.33
C CYS A 85 -21.89 -17.56 -7.76
N MET A 86 -21.16 -18.32 -8.55
CA MET A 86 -21.63 -18.64 -9.90
C MET A 86 -22.83 -19.58 -9.92
N SER A 87 -23.14 -20.21 -8.80
CA SER A 87 -24.27 -21.14 -8.70
C SER A 87 -25.59 -20.43 -8.32
N THR A 88 -25.55 -19.13 -8.06
CA THR A 88 -26.78 -18.38 -7.84
C THR A 88 -27.63 -18.32 -9.10
N ARG A 89 -28.88 -17.92 -8.91
CA ARG A 89 -29.81 -17.78 -10.03
C ARG A 89 -29.25 -16.98 -11.22
N LEU A 90 -28.61 -15.86 -10.95
CA LEU A 90 -28.10 -14.99 -12.00
C LEU A 90 -26.61 -15.26 -12.31
N GLY A 91 -25.92 -15.94 -11.40
CA GLY A 91 -24.53 -16.33 -11.66
C GLY A 91 -23.62 -15.13 -11.77
N ILE A 92 -23.78 -14.18 -10.86
CA ILE A 92 -22.91 -13.00 -10.86
C ILE A 92 -21.61 -13.34 -10.11
N PRO A 93 -20.45 -13.24 -10.80
CA PRO A 93 -19.21 -13.60 -10.09
C PRO A 93 -18.86 -12.57 -9.03
N MET A 94 -18.28 -13.06 -7.94
CA MET A 94 -17.73 -12.15 -6.94
C MET A 94 -16.38 -11.61 -7.38
N ILE A 95 -16.04 -10.46 -6.83
CA ILE A 95 -14.69 -9.89 -6.96
C ILE A 95 -14.01 -10.01 -5.59
N TYR A 96 -12.76 -10.47 -5.59
CA TYR A 96 -11.99 -10.75 -4.37
C TYR A 96 -10.94 -9.69 -4.24
N GLY A 97 -10.96 -8.96 -3.11
CA GLY A 97 -9.98 -7.91 -2.86
C GLY A 97 -8.96 -8.21 -1.78
N ILE A 98 -7.82 -7.54 -1.86
CA ILE A 98 -6.75 -7.71 -0.90
C ILE A 98 -5.83 -6.49 -0.90
N ASP A 99 -5.12 -6.25 0.21
CA ASP A 99 -4.13 -5.16 0.27
C ASP A 99 -2.83 -5.70 -0.32
N ALA A 100 -2.70 -5.52 -1.62
CA ALA A 100 -1.44 -5.75 -2.32
C ALA A 100 -0.88 -4.34 -2.53
N VAL A 101 -0.19 -3.85 -1.49
CA VAL A 101 0.28 -2.47 -1.41
C VAL A 101 1.80 -2.29 -1.58
N HIS A 102 2.59 -3.37 -1.55
CA HIS A 102 4.00 -3.32 -1.93
C HIS A 102 4.40 -4.71 -2.39
N GLY A 103 3.76 -5.11 -3.49
CA GLY A 103 3.68 -6.49 -3.92
C GLY A 103 2.43 -7.15 -3.32
N GLN A 104 2.29 -8.44 -3.56
CA GLN A 104 1.15 -9.23 -3.04
C GLN A 104 1.51 -9.66 -1.62
N ASN A 105 1.56 -8.68 -0.74
CA ASN A 105 2.31 -8.79 0.50
C ASN A 105 1.78 -9.70 1.64
N ASN A 106 0.51 -10.14 1.59
CA ASN A 106 0.03 -11.13 2.54
C ASN A 106 0.51 -12.54 2.25
N VAL A 107 1.07 -12.75 1.05
CA VAL A 107 1.32 -14.10 0.55
C VAL A 107 2.78 -14.48 0.74
N TYR A 108 2.98 -15.66 1.31
CA TYR A 108 4.32 -16.23 1.49
C TYR A 108 5.00 -16.39 0.15
N GLY A 109 6.22 -15.90 0.02
CA GLY A 109 6.97 -16.02 -1.22
C GLY A 109 6.67 -14.98 -2.29
N ALA A 110 5.76 -14.05 -2.01
CA ALA A 110 5.52 -12.92 -2.93
C ALA A 110 6.69 -11.93 -2.87
N THR A 111 7.03 -11.36 -4.02
CA THR A 111 8.03 -10.29 -4.05
C THR A 111 7.53 -9.12 -3.21
N ILE A 112 8.36 -8.59 -2.30
CA ILE A 112 7.97 -7.44 -1.49
C ILE A 112 8.79 -6.23 -1.96
N PHE A 113 8.07 -5.25 -2.52
CA PHE A 113 8.65 -4.03 -3.03
C PHE A 113 8.84 -3.02 -1.90
N PRO A 114 9.70 -2.00 -2.14
CA PRO A 114 9.77 -0.91 -1.16
C PRO A 114 8.41 -0.27 -0.91
N HIS A 115 8.15 0.17 0.32
CA HIS A 115 6.97 0.95 0.61
C HIS A 115 6.99 2.33 -0.09
N ASN A 116 5.79 2.91 -0.18
CA ASN A 116 5.59 4.12 -0.97
C ASN A 116 6.54 5.28 -0.67
N VAL A 117 6.87 5.53 0.58
CA VAL A 117 7.76 6.67 0.87
C VAL A 117 9.09 6.53 0.12
N GLY A 118 9.67 5.32 0.09
CA GLY A 118 10.88 5.07 -0.66
C GLY A 118 10.69 5.20 -2.14
N LEU A 119 9.56 4.75 -2.64
CA LEU A 119 9.25 4.94 -4.05
C LEU A 119 9.20 6.44 -4.39
N GLY A 120 8.65 7.26 -3.52
CA GLY A 120 8.67 8.71 -3.72
C GLY A 120 10.08 9.24 -3.86
N ALA A 121 11.00 8.67 -3.10
CA ALA A 121 12.41 9.08 -3.16
C ALA A 121 13.08 8.82 -4.53
N THR A 122 12.55 7.86 -5.30
CA THR A 122 13.09 7.55 -6.63
C THR A 122 12.79 8.61 -7.70
N ARG A 123 11.75 9.40 -7.49
CA ARG A 123 11.19 10.30 -8.50
C ARG A 123 11.08 9.61 -9.87
N ASP A 124 10.68 8.32 -9.87
CA ASP A 124 10.69 7.50 -11.08
C ASP A 124 9.31 6.89 -11.30
N PRO A 125 8.38 7.64 -11.94
CA PRO A 125 7.03 7.11 -12.11
C PRO A 125 6.97 5.87 -13.00
N TYR A 126 7.88 5.73 -13.95
CA TYR A 126 7.89 4.54 -14.81
C TYR A 126 8.31 3.29 -14.03
N LEU A 127 9.24 3.45 -13.10
CA LEU A 127 9.59 2.38 -12.19
C LEU A 127 8.33 1.95 -11.42
N VAL A 128 7.55 2.91 -10.93
CA VAL A 128 6.36 2.60 -10.13
C VAL A 128 5.31 1.90 -11.02
N LYS A 129 5.17 2.35 -12.27
CA LYS A 129 4.31 1.64 -13.23
C LYS A 129 4.72 0.18 -13.36
N ARG A 130 6.02 -0.07 -13.51
CA ARG A 130 6.51 -1.44 -13.69
C ARG A 130 6.25 -2.28 -12.42
N ILE A 131 6.37 -1.65 -11.25
CA ILE A 131 5.98 -2.33 -10.00
C ILE A 131 4.49 -2.70 -10.00
N GLY A 132 3.63 -1.79 -10.45
CA GLY A 132 2.20 -2.11 -10.59
C GLY A 132 1.98 -3.29 -11.50
N GLU A 133 2.70 -3.34 -12.62
CA GLU A 133 2.60 -4.43 -13.57
C GLU A 133 3.00 -5.77 -12.96
N ALA A 134 4.12 -5.80 -12.25
CA ALA A 134 4.58 -7.01 -11.57
C ALA A 134 3.62 -7.43 -10.44
N THR A 135 3.11 -6.45 -9.70
CA THR A 135 2.19 -6.72 -8.61
C THR A 135 0.89 -7.33 -9.15
N ALA A 136 0.34 -6.80 -10.25
CA ALA A 136 -0.83 -7.41 -10.87
C ALA A 136 -0.62 -8.90 -11.17
N LEU A 137 0.55 -9.25 -11.71
CA LEU A 137 0.86 -10.64 -12.05
C LEU A 137 0.91 -11.51 -10.80
N GLU A 138 1.49 -11.00 -9.73
CA GLU A 138 1.62 -11.77 -8.48
C GLU A 138 0.29 -11.87 -7.75
N VAL A 139 -0.58 -10.87 -7.89
CA VAL A 139 -1.95 -10.96 -7.33
C VAL A 139 -2.76 -11.99 -8.12
N ARG A 140 -2.71 -11.91 -9.45
CA ARG A 140 -3.40 -12.89 -10.29
C ARG A 140 -2.82 -14.33 -10.13
N ALA A 141 -1.55 -14.45 -9.75
CA ALA A 141 -0.97 -15.77 -9.40
C ALA A 141 -1.74 -16.47 -8.31
N THR A 142 -2.37 -15.70 -7.44
CA THR A 142 -3.12 -16.22 -6.29
C THR A 142 -4.64 -16.22 -6.54
N GLY A 143 -5.05 -15.90 -7.78
CA GLY A 143 -6.45 -15.91 -8.16
C GLY A 143 -7.24 -14.68 -7.76
N ILE A 144 -6.56 -13.66 -7.26
CA ILE A 144 -7.24 -12.46 -6.77
C ILE A 144 -7.29 -11.41 -7.87
N GLN A 145 -8.41 -10.68 -7.94
CA GLN A 145 -8.69 -9.77 -9.07
C GLN A 145 -8.66 -8.29 -8.74
N TYR A 146 -8.41 -7.94 -7.47
CA TYR A 146 -8.65 -6.57 -6.97
C TYR A 146 -7.67 -6.24 -5.84
N ALA A 147 -6.90 -5.18 -6.03
CA ALA A 147 -5.95 -4.68 -5.05
C ALA A 147 -6.38 -3.35 -4.47
N PHE A 148 -6.32 -3.25 -3.15
CA PHE A 148 -6.65 -1.99 -2.45
C PHE A 148 -5.45 -1.03 -2.48
N ALA A 149 -5.09 -0.59 -3.68
CA ALA A 149 -3.93 0.27 -3.89
C ALA A 149 -4.14 1.04 -5.20
N PRO A 150 -3.57 2.25 -5.33
CA PRO A 150 -2.64 2.89 -4.42
C PRO A 150 -3.24 3.74 -3.32
N CYS A 151 -2.55 3.76 -2.18
CA CYS A 151 -2.73 4.83 -1.22
C CYS A 151 -2.10 6.12 -1.77
N ILE A 152 -2.98 7.07 -2.11
CA ILE A 152 -2.56 8.38 -2.59
C ILE A 152 -2.73 9.47 -1.53
N ALA A 153 -2.68 9.08 -0.25
CA ALA A 153 -2.56 10.05 0.85
C ALA A 153 -1.34 10.93 0.61
N VAL A 154 -1.47 12.20 1.01
CA VAL A 154 -0.36 13.15 1.02
C VAL A 154 -0.08 13.38 2.53
N CYS A 155 0.87 12.64 3.07
CA CYS A 155 1.14 12.69 4.50
C CYS A 155 1.81 14.02 4.86
N ARG A 156 1.13 14.79 5.71
CA ARG A 156 1.58 16.15 6.05
C ARG A 156 2.17 16.20 7.46
N ASP A 157 2.23 15.05 8.14
CA ASP A 157 2.77 14.97 9.48
C ASP A 157 3.28 13.55 9.73
N PRO A 158 4.61 13.36 9.84
CA PRO A 158 5.18 12.01 9.92
C PRO A 158 4.88 11.28 11.20
N ARG A 159 4.23 11.94 12.17
CA ARG A 159 3.75 11.22 13.35
C ARG A 159 2.60 10.23 13.03
N TRP A 160 2.03 10.33 11.84
CA TRP A 160 1.04 9.36 11.36
C TRP A 160 1.66 7.97 11.12
N GLY A 161 1.00 6.95 11.62
CA GLY A 161 1.42 5.57 11.46
C GLY A 161 1.32 5.00 10.05
N ARG A 162 0.72 5.74 9.14
CA ARG A 162 0.68 5.34 7.73
C ARG A 162 1.48 6.24 6.83
N CYS A 163 2.37 7.05 7.40
CA CYS A 163 3.14 7.98 6.57
C CYS A 163 3.96 7.22 5.52
N TYR A 164 4.41 6.01 5.82
CA TYR A 164 5.18 5.20 4.84
C TYR A 164 4.35 4.78 3.62
N GLU A 165 3.02 4.84 3.75
CA GLU A 165 2.12 4.52 2.65
C GLU A 165 1.86 5.72 1.73
N SER A 166 2.46 6.86 2.07
CA SER A 166 2.36 8.06 1.24
C SER A 166 3.64 8.27 0.47
N TYR A 167 3.53 8.52 -0.82
CA TYR A 167 4.74 8.72 -1.64
C TYR A 167 5.48 9.99 -1.23
N SER A 168 4.78 10.96 -0.66
CA SER A 168 5.40 12.27 -0.39
C SER A 168 4.48 13.23 0.31
N GLU A 169 5.06 14.22 1.01
CA GLU A 169 4.29 15.36 1.52
C GLU A 169 3.92 16.35 0.43
N ASP A 170 4.55 16.20 -0.74
CA ASP A 170 4.31 17.05 -1.89
C ASP A 170 3.35 16.36 -2.84
N ARG A 171 2.15 16.90 -2.96
CA ARG A 171 1.14 16.35 -3.84
C ARG A 171 1.62 16.14 -5.27
N ARG A 172 2.56 16.96 -5.76
CA ARG A 172 3.03 16.79 -7.14
C ARG A 172 3.73 15.45 -7.33
N ILE A 173 4.42 15.00 -6.29
CA ILE A 173 5.09 13.70 -6.33
C ILE A 173 4.03 12.60 -6.25
N VAL A 174 3.05 12.75 -5.38
CA VAL A 174 1.97 11.74 -5.30
C VAL A 174 1.26 11.63 -6.67
N GLN A 175 0.94 12.77 -7.28
CA GLN A 175 0.32 12.78 -8.59
C GLN A 175 1.14 12.02 -9.62
N SER A 176 2.46 12.24 -9.65
CA SER A 176 3.32 11.53 -10.57
C SER A 176 3.29 10.02 -10.38
N MET A 177 3.10 9.57 -9.14
CA MET A 177 3.16 8.15 -8.82
C MET A 177 1.83 7.39 -9.00
N THR A 178 0.80 8.11 -9.46
CA THR A 178 -0.45 7.49 -9.87
C THR A 178 -0.27 6.58 -11.07
N GLU A 179 0.92 6.62 -11.70
CA GLU A 179 1.32 5.60 -12.69
C GLU A 179 1.22 4.17 -12.19
N LEU A 180 1.22 3.97 -10.88
CA LEU A 180 0.90 2.62 -10.36
C LEU A 180 -0.41 2.05 -10.98
N ILE A 181 -1.38 2.93 -11.18
CA ILE A 181 -2.73 2.54 -11.58
C ILE A 181 -2.75 1.83 -12.94
N PRO A 182 -2.22 2.47 -14.02
CA PRO A 182 -2.14 1.75 -15.29
C PRO A 182 -1.15 0.58 -15.28
N GLY A 183 -0.23 0.54 -14.32
CA GLY A 183 0.53 -0.68 -14.13
C GLY A 183 -0.35 -1.84 -13.66
N LEU A 184 -1.08 -1.62 -12.58
CA LEU A 184 -1.99 -2.63 -12.04
C LEU A 184 -3.10 -3.04 -13.01
N GLN A 185 -3.70 -2.05 -13.67
CA GLN A 185 -4.92 -2.23 -14.47
C GLN A 185 -4.72 -2.36 -15.99
N GLY A 186 -3.56 -1.92 -16.46
CA GLY A 186 -3.32 -1.67 -17.88
C GLY A 186 -3.57 -0.26 -18.31
N ASP A 187 -2.94 0.15 -19.41
CA ASP A 187 -3.12 1.49 -19.95
C ASP A 187 -4.51 1.65 -20.57
N VAL A 188 -5.12 2.81 -20.36
CA VAL A 188 -6.45 3.12 -20.91
C VAL A 188 -6.32 3.42 -22.39
N PRO A 189 -7.38 3.18 -23.16
CA PRO A 189 -7.26 3.48 -24.60
C PRO A 189 -7.20 4.98 -24.93
N LYS A 190 -7.03 5.27 -26.21
CA LYS A 190 -6.66 6.62 -26.64
C LYS A 190 -7.78 7.63 -26.34
N ASP A 191 -9.01 7.19 -26.52
CA ASP A 191 -10.14 8.13 -26.47
C ASP A 191 -10.81 8.16 -25.09
N PHE A 192 -10.08 7.75 -24.05
CA PHE A 192 -10.72 7.33 -22.81
C PHE A 192 -11.34 8.51 -22.05
N THR A 193 -12.56 8.32 -21.56
CA THR A 193 -13.23 9.33 -20.76
C THR A 193 -12.82 9.31 -19.28
N SER A 194 -12.20 10.40 -18.82
CA SER A 194 -11.78 10.53 -17.41
C SER A 194 -12.93 10.17 -16.46
N GLY A 195 -12.64 9.27 -15.53
CA GLY A 195 -13.59 8.86 -14.49
C GLY A 195 -14.24 7.52 -14.76
N MET A 196 -14.14 7.01 -15.99
CA MET A 196 -14.62 5.66 -16.25
C MET A 196 -13.66 4.63 -15.66
N PRO A 197 -14.20 3.47 -15.21
CA PRO A 197 -13.31 2.42 -14.70
C PRO A 197 -12.65 1.67 -15.87
N PHE A 198 -11.46 1.13 -15.64
CA PHE A 198 -10.79 0.32 -16.65
C PHE A 198 -9.96 -0.80 -16.03
N VAL A 199 -10.05 -1.99 -16.59
CA VAL A 199 -9.05 -3.06 -16.35
C VAL A 199 -8.91 -3.81 -17.67
N ALA A 200 -7.67 -4.11 -18.08
CA ALA A 200 -7.43 -4.65 -19.43
C ALA A 200 -7.95 -6.06 -19.67
N GLY A 201 -8.00 -6.88 -18.64
CA GLY A 201 -8.33 -8.29 -18.78
C GLY A 201 -7.76 -9.13 -17.65
N LYS A 202 -7.70 -10.44 -17.89
CA LYS A 202 -7.48 -11.44 -16.83
C LYS A 202 -6.07 -11.44 -16.22
N ASN A 203 -5.13 -10.79 -16.88
CA ASN A 203 -3.78 -10.68 -16.34
C ASN A 203 -3.51 -9.35 -15.61
N LYS A 204 -4.56 -8.54 -15.44
CA LYS A 204 -4.51 -7.28 -14.69
C LYS A 204 -5.53 -7.35 -13.54
N VAL A 205 -5.49 -6.35 -12.65
CA VAL A 205 -6.38 -6.27 -11.49
C VAL A 205 -7.05 -4.92 -11.43
N ALA A 206 -8.24 -4.88 -10.82
CA ALA A 206 -8.85 -3.61 -10.45
C ALA A 206 -8.01 -2.95 -9.37
N ALA A 207 -7.85 -1.64 -9.47
CA ALA A 207 -7.14 -0.82 -8.49
C ALA A 207 -8.11 -0.02 -7.62
N CYS A 208 -7.56 0.67 -6.61
CA CYS A 208 -8.34 1.39 -5.62
C CYS A 208 -7.55 2.60 -5.14
N ALA A 209 -7.98 3.81 -5.51
CA ALA A 209 -7.38 5.03 -4.98
C ALA A 209 -7.94 5.24 -3.57
N LYS A 210 -7.07 5.35 -2.57
CA LYS A 210 -7.50 5.42 -1.19
C LYS A 210 -6.63 6.40 -0.39
N HIS A 211 -7.12 6.97 0.72
CA HIS A 211 -8.47 6.87 1.23
C HIS A 211 -9.07 8.26 1.09
N PHE A 212 -10.21 8.33 0.43
CA PHE A 212 -10.81 9.61 0.00
C PHE A 212 -11.49 10.26 1.19
N VAL A 213 -11.09 11.47 1.61
CA VAL A 213 -9.96 12.28 1.09
C VAL A 213 -9.42 13.02 2.32
N GLY A 214 -8.14 13.36 2.28
CA GLY A 214 -7.47 14.04 3.41
C GLY A 214 -7.02 13.13 4.53
N ASP A 215 -6.87 11.83 4.26
CA ASP A 215 -6.32 10.91 5.22
C ASP A 215 -4.94 11.29 5.75
N GLY A 216 -4.15 11.94 4.92
CA GLY A 216 -2.81 12.38 5.26
C GLY A 216 -2.76 13.74 5.96
N GLY A 217 -3.91 14.34 6.22
CA GLY A 217 -3.97 15.72 6.76
C GLY A 217 -4.47 15.81 8.19
N THR A 218 -4.51 14.69 8.90
CA THR A 218 -5.21 14.68 10.18
C THR A 218 -4.38 15.42 11.26
N VAL A 219 -5.08 15.98 12.25
CA VAL A 219 -4.42 16.73 13.34
C VAL A 219 -3.37 15.87 14.05
N ASP A 220 -2.16 16.40 14.15
CA ASP A 220 -1.00 15.74 14.79
C ASP A 220 -0.71 14.34 14.19
N GLY A 221 -1.11 14.11 12.94
CA GLY A 221 -0.98 12.78 12.33
C GLY A 221 -1.74 11.68 13.04
N ILE A 222 -2.80 12.00 13.80
CA ILE A 222 -3.57 10.96 14.49
C ILE A 222 -4.41 10.21 13.47
N ASN A 223 -4.22 8.89 13.42
CA ASN A 223 -4.88 8.04 12.41
C ASN A 223 -6.38 8.10 12.63
N GLU A 224 -7.12 8.25 11.54
CA GLU A 224 -8.58 8.25 11.54
C GLU A 224 -9.18 9.54 12.08
N ASN A 225 -8.36 10.54 12.32
CA ASN A 225 -8.84 11.73 13.04
C ASN A 225 -9.39 12.81 12.11
N ASN A 226 -9.37 14.06 12.58
CA ASN A 226 -9.96 15.17 11.88
C ASN A 226 -8.91 15.88 11.06
N THR A 227 -9.24 16.17 9.81
CA THR A 227 -8.43 17.01 8.97
C THR A 227 -9.07 18.40 8.93
N ILE A 228 -8.37 19.36 9.52
CA ILE A 228 -8.88 20.75 9.66
C ILE A 228 -8.15 21.61 8.63
N ILE A 229 -8.84 21.92 7.54
CA ILE A 229 -8.26 22.69 6.46
C ILE A 229 -9.40 23.24 5.63
N ASN A 230 -9.24 24.46 5.12
CA ASN A 230 -10.31 25.04 4.29
C ASN A 230 -10.40 24.31 2.96
N ARG A 231 -11.52 24.50 2.25
CA ARG A 231 -11.74 23.83 0.96
C ARG A 231 -10.57 24.07 0.02
N GLU A 232 -10.06 25.29 -0.01
CA GLU A 232 -8.96 25.61 -0.92
C GLU A 232 -7.74 24.70 -0.68
N GLY A 233 -7.40 24.46 0.58
CA GLY A 233 -6.28 23.60 0.95
C GLY A 233 -6.58 22.14 0.69
N LEU A 234 -7.81 21.72 0.97
CA LEU A 234 -8.21 20.33 0.66
C LEU A 234 -8.01 20.08 -0.82
N MET A 235 -8.45 21.02 -1.65
CA MET A 235 -8.39 20.86 -3.10
C MET A 235 -7.01 21.06 -3.68
N ASN A 236 -6.15 21.80 -2.98
CA ASN A 236 -4.79 22.06 -3.42
C ASN A 236 -3.78 20.98 -3.01
N ILE A 237 -4.03 20.31 -1.88
CA ILE A 237 -3.08 19.34 -1.33
C ILE A 237 -3.59 17.91 -1.42
N HIS A 238 -4.79 17.68 -0.93
CA HIS A 238 -5.26 16.31 -0.73
C HIS A 238 -6.03 15.69 -1.88
N MET A 239 -6.66 16.52 -2.70
CA MET A 239 -7.48 16.09 -3.80
C MET A 239 -6.80 15.87 -5.13
N PRO A 240 -5.77 16.67 -5.51
CA PRO A 240 -5.30 16.58 -6.90
C PRO A 240 -5.04 15.18 -7.48
N ALA A 241 -4.39 14.31 -6.72
CA ALA A 241 -4.06 12.98 -7.25
C ALA A 241 -5.31 12.12 -7.55
N TYR A 242 -6.45 12.42 -6.91
CA TYR A 242 -7.71 11.73 -7.27
C TYR A 242 -8.11 12.06 -8.73
N LYS A 243 -7.84 13.29 -9.18
CA LYS A 243 -8.16 13.65 -10.56
C LYS A 243 -7.24 12.90 -11.52
N ASN A 244 -5.95 12.81 -11.21
CA ASN A 244 -5.05 11.98 -12.03
C ASN A 244 -5.55 10.52 -12.08
N ALA A 245 -6.06 10.02 -10.95
CA ALA A 245 -6.57 8.66 -10.89
C ALA A 245 -7.80 8.48 -11.78
N MET A 246 -8.70 9.47 -11.80
CA MET A 246 -9.83 9.47 -12.76
C MET A 246 -9.34 9.41 -14.22
N ASP A 247 -8.33 10.22 -14.53
CA ASP A 247 -7.79 10.29 -15.88
C ASP A 247 -7.19 8.96 -16.34
N LYS A 248 -6.71 8.17 -15.37
CA LYS A 248 -6.11 6.86 -15.63
C LYS A 248 -7.05 5.68 -15.40
N GLY A 249 -8.33 6.00 -15.17
CA GLY A 249 -9.35 4.96 -15.12
C GLY A 249 -9.37 4.08 -13.90
N VAL A 250 -8.99 4.62 -12.74
CA VAL A 250 -9.02 3.84 -11.51
C VAL A 250 -10.42 3.24 -11.34
N SER A 251 -10.49 1.95 -11.03
CA SER A 251 -11.79 1.26 -11.03
C SER A 251 -12.62 1.53 -9.79
N THR A 252 -11.96 1.70 -8.65
CA THR A 252 -12.65 1.92 -7.40
C THR A 252 -11.95 3.01 -6.56
N VAL A 253 -12.68 3.53 -5.58
CA VAL A 253 -12.17 4.49 -4.62
C VAL A 253 -12.66 4.06 -3.23
N MET A 254 -11.76 3.97 -2.27
CA MET A 254 -12.09 3.66 -0.90
C MET A 254 -12.16 4.93 -0.03
N ILE A 255 -13.19 5.01 0.78
CA ILE A 255 -13.40 6.15 1.65
C ILE A 255 -12.56 6.08 2.91
N SER A 256 -12.11 7.25 3.39
CA SER A 256 -11.31 7.39 4.59
C SER A 256 -12.11 7.33 5.90
N TYR A 257 -11.50 6.73 6.93
CA TYR A 257 -12.04 6.83 8.30
C TYR A 257 -12.04 8.26 8.83
N SER A 258 -11.18 9.09 8.26
CA SER A 258 -10.96 10.45 8.75
C SER A 258 -12.16 11.35 8.51
N SER A 259 -12.11 12.52 9.12
CA SER A 259 -13.17 13.51 8.97
C SER A 259 -12.56 14.74 8.32
N TRP A 260 -13.39 15.55 7.68
CA TRP A 260 -12.96 16.84 7.16
C TRP A 260 -13.77 17.93 7.89
N ASN A 261 -13.07 18.78 8.63
CA ASN A 261 -13.70 19.80 9.46
C ASN A 261 -14.86 19.25 10.29
N GLY A 262 -14.64 18.08 10.89
CA GLY A 262 -15.63 17.47 11.77
C GLY A 262 -16.71 16.61 11.12
N VAL A 263 -16.75 16.54 9.79
CA VAL A 263 -17.70 15.68 9.07
C VAL A 263 -17.00 14.37 8.67
N LYS A 264 -17.57 13.25 9.11
CA LYS A 264 -17.04 11.92 8.75
C LYS A 264 -17.09 11.75 7.25
N MET A 265 -15.96 11.38 6.63
CA MET A 265 -15.95 11.07 5.20
C MET A 265 -16.99 10.03 4.79
N HIS A 266 -17.19 9.00 5.62
CA HIS A 266 -18.14 7.94 5.33
C HIS A 266 -19.60 8.42 5.34
N ALA A 267 -19.84 9.64 5.85
CA ALA A 267 -21.18 10.25 5.79
C ALA A 267 -21.23 11.53 4.97
N ASN A 268 -20.20 11.83 4.20
CA ASN A 268 -20.10 13.10 3.49
C ASN A 268 -20.64 13.05 2.07
N GLN A 269 -21.94 13.32 1.95
CA GLN A 269 -22.62 13.32 0.66
C GLN A 269 -22.04 14.38 -0.28
N ASP A 270 -21.72 15.56 0.25
CA ASP A 270 -21.19 16.63 -0.59
C ASP A 270 -19.91 16.22 -1.31
N LEU A 271 -19.00 15.55 -0.59
CA LEU A 271 -17.72 15.14 -1.20
C LEU A 271 -17.84 13.84 -2.01
N VAL A 272 -18.52 12.84 -1.46
CA VAL A 272 -18.63 11.53 -2.15
C VAL A 272 -19.52 11.61 -3.39
N THR A 273 -20.72 12.18 -3.26
CA THR A 273 -21.65 12.27 -4.39
C THR A 273 -21.42 13.58 -5.13
N GLY A 274 -21.47 14.70 -4.41
CA GLY A 274 -21.32 16.03 -5.04
C GLY A 274 -20.01 16.24 -5.79
N TYR A 275 -18.90 15.81 -5.20
CA TYR A 275 -17.61 16.01 -5.80
C TYR A 275 -17.08 14.80 -6.59
N LEU A 276 -16.83 13.70 -5.90
CA LEU A 276 -16.24 12.55 -6.59
C LEU A 276 -17.11 12.09 -7.74
N LYS A 277 -18.39 11.81 -7.48
CA LYS A 277 -19.25 11.30 -8.52
C LYS A 277 -19.69 12.39 -9.50
N ASP A 278 -20.25 13.49 -8.98
CA ASP A 278 -20.93 14.47 -9.85
C ASP A 278 -19.98 15.49 -10.52
N THR A 279 -18.82 15.76 -9.91
CA THR A 279 -17.88 16.77 -10.45
C THR A 279 -16.73 16.10 -11.17
N LEU A 280 -16.07 15.13 -10.51
CA LEU A 280 -15.00 14.36 -11.19
C LEU A 280 -15.54 13.30 -12.16
N LYS A 281 -16.85 13.06 -12.16
CA LYS A 281 -17.49 12.10 -13.05
C LYS A 281 -16.99 10.66 -12.84
N PHE A 282 -16.66 10.32 -11.59
CA PHE A 282 -16.28 8.93 -11.29
C PHE A 282 -17.47 7.99 -11.53
N LYS A 283 -17.23 6.94 -12.32
CA LYS A 283 -18.24 5.97 -12.73
C LYS A 283 -17.90 4.55 -12.30
N GLY A 284 -16.81 4.38 -11.56
CA GLY A 284 -16.52 3.11 -10.92
C GLY A 284 -17.29 3.02 -9.61
N PHE A 285 -16.91 2.10 -8.72
CA PHE A 285 -17.56 1.97 -7.43
C PHE A 285 -16.76 2.49 -6.26
N VAL A 286 -17.49 3.04 -5.30
CA VAL A 286 -16.98 3.60 -4.08
C VAL A 286 -17.16 2.56 -2.97
N ILE A 287 -16.07 2.19 -2.32
CA ILE A 287 -16.12 1.17 -1.27
C ILE A 287 -15.81 1.82 0.09
N SER A 288 -16.49 1.36 1.15
CA SER A 288 -16.10 1.77 2.51
C SER A 288 -14.74 1.19 2.93
N ASP A 289 -14.17 1.76 4.00
CA ASP A 289 -13.11 1.07 4.71
C ASP A 289 -13.75 0.08 5.69
N TRP A 290 -12.88 -0.65 6.40
CA TRP A 290 -13.26 -1.81 7.19
C TRP A 290 -14.00 -1.31 8.44
N GLU A 291 -15.26 -1.68 8.56
CA GLU A 291 -16.12 -1.13 9.64
C GLU A 291 -16.09 0.40 9.61
N GLY A 292 -15.88 0.97 8.43
CA GLY A 292 -15.88 2.41 8.30
C GLY A 292 -17.23 3.06 8.59
N ILE A 293 -18.33 2.41 8.21
CA ILE A 293 -19.66 2.99 8.48
C ILE A 293 -19.96 2.93 9.98
N ASP A 294 -19.47 1.88 10.66
CA ASP A 294 -19.65 1.72 12.10
C ASP A 294 -19.08 2.92 12.85
N ARG A 295 -17.95 3.42 12.35
CA ARG A 295 -17.22 4.51 13.00
C ARG A 295 -17.81 5.89 12.72
N ILE A 296 -18.89 5.98 11.94
CA ILE A 296 -19.60 7.27 11.76
C ILE A 296 -20.09 7.82 13.10
N THR A 297 -20.56 6.90 13.93
CA THR A 297 -21.08 7.22 15.25
C THR A 297 -20.03 7.16 16.35
N THR A 298 -20.35 7.81 17.48
CA THR A 298 -19.54 7.73 18.69
C THR A 298 -20.43 7.30 19.85
N PRO A 299 -20.12 6.16 20.49
CA PRO A 299 -19.08 5.18 20.10
C PRO A 299 -19.37 4.48 18.75
N ALA A 300 -18.34 3.85 18.17
CA ALA A 300 -18.50 3.12 16.91
C ALA A 300 -19.47 1.98 17.08
N GLY A 301 -20.37 1.82 16.11
CA GLY A 301 -21.25 0.68 16.11
C GLY A 301 -22.43 0.85 17.05
N SER A 302 -22.56 2.02 17.66
CA SER A 302 -23.65 2.31 18.62
C SER A 302 -25.00 2.58 17.94
N ASP A 303 -25.03 2.78 16.63
CA ASP A 303 -26.30 2.92 15.94
C ASP A 303 -26.09 2.49 14.51
N TYR A 304 -26.05 1.18 14.31
CA TYR A 304 -25.69 0.64 13.01
C TYR A 304 -26.76 0.95 11.97
N SER A 305 -28.02 1.05 12.41
CA SER A 305 -29.06 1.52 11.49
C SER A 305 -28.74 2.87 10.90
N TYR A 306 -28.29 3.82 11.74
CA TYR A 306 -27.89 5.13 11.25
C TYR A 306 -26.66 5.04 10.34
N SER A 307 -25.70 4.23 10.73
CA SER A 307 -24.46 4.01 9.94
C SER A 307 -24.81 3.61 8.48
N VAL A 308 -25.75 2.69 8.34
CA VAL A 308 -26.17 2.21 7.01
C VAL A 308 -26.88 3.30 6.23
N LYS A 309 -27.81 4.00 6.89
CA LYS A 309 -28.52 5.06 6.22
C LYS A 309 -27.58 6.19 5.77
N ALA A 310 -26.74 6.67 6.68
CA ALA A 310 -25.89 7.81 6.39
C ALA A 310 -24.88 7.52 5.28
N SER A 311 -24.28 6.34 5.35
CA SER A 311 -23.26 5.95 4.35
C SER A 311 -23.82 5.70 2.95
N ILE A 312 -24.94 4.98 2.86
CA ILE A 312 -25.53 4.70 1.59
C ILE A 312 -26.12 5.98 0.98
N LEU A 313 -26.76 6.83 1.80
CA LEU A 313 -27.25 8.12 1.28
C LEU A 313 -26.11 9.04 0.88
N ALA A 314 -24.97 8.93 1.53
CA ALA A 314 -23.79 9.73 1.15
C ALA A 314 -23.26 9.38 -0.22
N GLY A 315 -23.54 8.17 -0.69
CA GLY A 315 -23.14 7.73 -2.03
C GLY A 315 -22.20 6.53 -2.10
N LEU A 316 -21.92 5.91 -0.96
CA LEU A 316 -21.09 4.69 -0.97
C LEU A 316 -21.84 3.59 -1.69
N ASP A 317 -21.10 2.77 -2.43
CA ASP A 317 -21.71 1.71 -3.26
C ASP A 317 -21.57 0.31 -2.70
N MET A 318 -20.37 0.00 -2.20
CA MET A 318 -20.05 -1.31 -1.62
C MET A 318 -19.52 -1.12 -0.19
N ILE A 319 -20.02 -1.93 0.72
CA ILE A 319 -19.66 -1.83 2.12
C ILE A 319 -18.78 -3.01 2.51
N MET A 320 -17.58 -2.68 2.96
CA MET A 320 -16.66 -3.63 3.56
C MET A 320 -17.15 -3.86 4.96
N VAL A 321 -18.02 -4.84 5.14
CA VAL A 321 -18.79 -4.97 6.38
C VAL A 321 -17.87 -5.15 7.61
N PRO A 322 -16.97 -6.15 7.61
CA PRO A 322 -16.83 -7.28 6.70
C PRO A 322 -17.38 -8.56 7.32
N ASN A 323 -17.83 -8.51 8.59
CA ASN A 323 -18.23 -9.72 9.31
C ASN A 323 -19.71 -9.87 9.52
N LYS A 324 -20.36 -8.82 10.02
CA LYS A 324 -21.78 -8.86 10.32
C LYS A 324 -22.67 -8.61 9.11
N TYR A 325 -22.57 -9.48 8.11
CA TYR A 325 -23.31 -9.31 6.87
C TYR A 325 -24.84 -9.45 7.04
N GLN A 326 -25.27 -10.35 7.91
CA GLN A 326 -26.70 -10.59 8.08
C GLN A 326 -27.37 -9.30 8.58
N GLN A 327 -26.76 -8.68 9.56
CA GLN A 327 -27.23 -7.37 10.10
C GLN A 327 -27.20 -6.25 9.05
N PHE A 328 -26.09 -6.13 8.32
CA PHE A 328 -26.00 -5.14 7.26
C PHE A 328 -27.14 -5.34 6.27
N ILE A 329 -27.32 -6.56 5.77
CA ILE A 329 -28.29 -6.80 4.74
C ILE A 329 -29.70 -6.58 5.27
N SER A 330 -29.94 -7.00 6.50
CA SER A 330 -31.25 -6.87 7.10
C SER A 330 -31.64 -5.39 7.25
N ILE A 331 -30.72 -4.59 7.78
CA ILE A 331 -30.93 -3.17 7.99
C ILE A 331 -31.14 -2.41 6.68
N LEU A 332 -30.30 -2.67 5.67
CA LEU A 332 -30.43 -1.98 4.41
C LEU A 332 -31.73 -2.36 3.71
N THR A 333 -32.10 -3.63 3.78
CA THR A 333 -33.38 -4.08 3.24
C THR A 333 -34.56 -3.32 3.89
N GLY A 334 -34.55 -3.23 5.23
CA GLY A 334 -35.59 -2.48 5.99
C GLY A 334 -35.67 -1.01 5.54
N HIS A 335 -34.52 -0.36 5.39
CA HIS A 335 -34.49 1.03 4.93
C HIS A 335 -35.10 1.19 3.53
N VAL A 336 -34.82 0.26 2.62
CA VAL A 336 -35.39 0.36 1.29
C VAL A 336 -36.92 0.09 1.39
N ASN A 337 -37.28 -0.94 2.13
CA ASN A 337 -38.70 -1.33 2.32
C ASN A 337 -39.51 -0.19 2.93
N GLY A 338 -38.86 0.62 3.77
CA GLY A 338 -39.49 1.75 4.43
C GLY A 338 -39.41 3.08 3.71
N GLY A 339 -38.86 3.09 2.50
CA GLY A 339 -38.66 4.31 1.75
C GLY A 339 -37.62 5.30 2.22
N VAL A 340 -36.81 4.94 3.22
CA VAL A 340 -35.74 5.77 3.73
C VAL A 340 -34.58 5.92 2.75
N ILE A 341 -34.32 4.85 2.00
CA ILE A 341 -33.30 4.85 0.96
C ILE A 341 -34.04 4.48 -0.34
N PRO A 342 -33.99 5.36 -1.34
CA PRO A 342 -34.74 5.12 -2.57
C PRO A 342 -34.10 4.04 -3.45
N MET A 343 -34.91 3.38 -4.27
CA MET A 343 -34.39 2.38 -5.18
C MET A 343 -33.39 2.97 -6.14
N SER A 344 -33.54 4.24 -6.50
CA SER A 344 -32.57 4.92 -7.35
C SER A 344 -31.12 4.83 -6.80
N ARG A 345 -30.98 4.86 -5.46
CA ARG A 345 -29.64 4.86 -4.83
C ARG A 345 -29.05 3.46 -4.89
N ILE A 346 -29.89 2.47 -4.59
CA ILE A 346 -29.52 1.07 -4.72
C ILE A 346 -29.12 0.73 -6.16
N ASP A 347 -29.91 1.18 -7.13
CA ASP A 347 -29.64 0.89 -8.54
C ASP A 347 -28.33 1.55 -9.03
N ASP A 348 -28.03 2.75 -8.51
CA ASP A 348 -26.80 3.43 -8.84
C ASP A 348 -25.60 2.60 -8.31
N ALA A 349 -25.70 2.16 -7.07
CA ALA A 349 -24.60 1.40 -6.44
C ALA A 349 -24.33 0.13 -7.22
N VAL A 350 -25.40 -0.58 -7.56
CA VAL A 350 -25.29 -1.85 -8.26
C VAL A 350 -24.82 -1.63 -9.71
N THR A 351 -25.29 -0.55 -10.34
CA THR A 351 -24.82 -0.19 -11.70
C THR A 351 -23.30 -0.05 -11.73
N ARG A 352 -22.77 0.65 -10.75
CA ARG A 352 -21.33 0.88 -10.63
C ARG A 352 -20.52 -0.39 -10.36
N ILE A 353 -21.03 -1.23 -9.45
CA ILE A 353 -20.37 -2.50 -9.13
C ILE A 353 -20.33 -3.40 -10.35
N LEU A 354 -21.48 -3.56 -11.00
CA LEU A 354 -21.57 -4.35 -12.21
C LEU A 354 -20.71 -3.75 -13.34
N ARG A 355 -20.68 -2.43 -13.46
CA ARG A 355 -19.85 -1.78 -14.49
C ARG A 355 -18.38 -2.22 -14.37
N VAL A 356 -17.85 -2.18 -13.14
CA VAL A 356 -16.48 -2.59 -12.89
C VAL A 356 -16.28 -4.05 -13.23
N LYS A 357 -17.18 -4.92 -12.76
CA LYS A 357 -17.08 -6.37 -13.03
C LYS A 357 -17.14 -6.72 -14.52
N PHE A 358 -18.11 -6.15 -15.25
CA PHE A 358 -18.16 -6.42 -16.70
C PHE A 358 -16.93 -5.85 -17.42
N THR A 359 -16.57 -4.61 -17.08
CA THR A 359 -15.46 -3.94 -17.75
C THR A 359 -14.16 -4.75 -17.66
N MET A 360 -13.90 -5.29 -16.48
CA MET A 360 -12.65 -6.00 -16.20
C MET A 360 -12.57 -7.43 -16.73
N GLY A 361 -13.66 -7.92 -17.30
CA GLY A 361 -13.73 -9.26 -17.86
C GLY A 361 -14.14 -10.36 -16.90
N LEU A 362 -14.65 -9.97 -15.72
CA LEU A 362 -14.85 -10.93 -14.64
C LEU A 362 -15.93 -11.94 -15.00
N PHE A 363 -16.92 -11.55 -15.80
CA PHE A 363 -17.94 -12.51 -16.25
C PHE A 363 -17.37 -13.51 -17.27
N GLU A 364 -16.29 -13.14 -17.96
CA GLU A 364 -15.68 -14.01 -18.95
C GLU A 364 -14.61 -14.90 -18.34
N ASN A 365 -13.95 -14.42 -17.30
CA ASN A 365 -12.91 -15.18 -16.61
C ASN A 365 -13.09 -15.09 -15.09
N PRO A 366 -14.11 -15.77 -14.57
CA PRO A 366 -14.40 -15.69 -13.15
C PRO A 366 -13.46 -16.53 -12.32
N TYR A 367 -12.75 -17.46 -12.97
CA TYR A 367 -11.89 -18.41 -12.27
C TYR A 367 -10.41 -18.13 -12.47
N ALA A 368 -9.61 -18.63 -11.55
CA ALA A 368 -8.16 -18.47 -11.64
C ALA A 368 -7.50 -19.23 -12.77
N ASP A 369 -6.33 -18.75 -13.18
CA ASP A 369 -5.53 -19.40 -14.21
C ASP A 369 -4.35 -20.10 -13.56
N PRO A 370 -4.37 -21.43 -13.58
CA PRO A 370 -3.28 -22.14 -12.88
C PRO A 370 -1.90 -21.87 -13.46
N ALA A 371 -1.83 -21.50 -14.73
CA ALA A 371 -0.56 -21.20 -15.37
C ALA A 371 0.07 -19.92 -14.81
N MET A 372 -0.70 -19.13 -14.07
CA MET A 372 -0.19 -17.88 -13.48
C MET A 372 0.45 -18.10 -12.13
N ALA A 373 0.31 -19.28 -11.54
CA ALA A 373 0.80 -19.48 -10.16
C ALA A 373 2.31 -19.19 -10.08
N GLU A 374 3.04 -19.55 -11.13
CA GLU A 374 4.51 -19.38 -11.17
C GLU A 374 4.98 -17.94 -11.24
N GLN A 375 4.06 -16.99 -11.46
CA GLN A 375 4.40 -15.56 -11.35
C GLN A 375 4.79 -15.11 -9.96
N LEU A 376 4.31 -15.84 -8.94
CA LEU A 376 4.61 -15.51 -7.58
C LEU A 376 6.10 -15.60 -7.26
N GLY A 377 6.66 -14.50 -6.77
CA GLY A 377 8.06 -14.41 -6.40
C GLY A 377 9.04 -14.59 -7.56
N LYS A 378 8.59 -14.34 -8.78
CA LYS A 378 9.43 -14.61 -9.96
C LYS A 378 10.69 -13.75 -9.92
N GLN A 379 11.82 -14.33 -10.27
CA GLN A 379 13.09 -13.62 -10.20
C GLN A 379 13.09 -12.28 -10.97
N GLU A 380 12.42 -12.20 -12.10
CA GLU A 380 12.34 -10.90 -12.82
C GLU A 380 11.74 -9.78 -11.96
N HIS A 381 10.74 -10.16 -11.15
CA HIS A 381 10.07 -9.19 -10.27
C HIS A 381 10.98 -8.82 -9.12
N ARG A 382 11.71 -9.80 -8.60
CA ARG A 382 12.69 -9.50 -7.56
C ARG A 382 13.81 -8.59 -8.07
N ASP A 383 14.24 -8.80 -9.31
CA ASP A 383 15.23 -7.90 -9.92
C ASP A 383 14.69 -6.46 -9.98
N LEU A 384 13.41 -6.30 -10.31
CA LEU A 384 12.74 -5.00 -10.28
C LEU A 384 12.67 -4.42 -8.88
N ALA A 385 12.33 -5.23 -7.90
CA ALA A 385 12.26 -4.75 -6.51
C ALA A 385 13.64 -4.28 -6.05
N ARG A 386 14.66 -5.00 -6.47
CA ARG A 386 16.05 -4.69 -6.11
C ARG A 386 16.47 -3.36 -6.71
N GLU A 387 16.09 -3.12 -7.95
CA GLU A 387 16.31 -1.82 -8.62
C GLU A 387 15.60 -0.71 -7.83
N ALA A 388 14.35 -0.96 -7.47
CA ALA A 388 13.55 0.05 -6.72
C ALA A 388 14.16 0.36 -5.36
N ALA A 389 14.59 -0.69 -4.64
CA ALA A 389 15.16 -0.50 -3.33
C ALA A 389 16.40 0.37 -3.44
N ARG A 390 17.27 0.04 -4.39
CA ARG A 390 18.50 0.82 -4.60
C ARG A 390 18.20 2.30 -4.96
N LYS A 391 17.20 2.52 -5.81
CA LYS A 391 16.87 3.88 -6.22
C LYS A 391 16.20 4.66 -5.10
N SER A 392 15.59 3.95 -4.14
CA SER A 392 14.91 4.60 -3.03
C SER A 392 15.84 5.17 -1.97
N LEU A 393 17.07 4.69 -1.92
CA LEU A 393 18.00 4.99 -0.80
C LEU A 393 18.41 6.45 -0.90
N VAL A 394 18.38 7.16 0.22
CA VAL A 394 18.84 8.55 0.24
C VAL A 394 20.10 8.64 1.10
N LEU A 395 21.19 9.07 0.48
CA LEU A 395 22.46 9.26 1.17
C LEU A 395 22.44 10.61 1.88
N LEU A 396 22.49 10.57 3.20
CA LEU A 396 22.38 11.80 4.03
C LEU A 396 23.73 12.36 4.46
N LYS A 397 24.73 11.49 4.55
CA LYS A 397 26.08 11.88 4.97
C LYS A 397 27.06 10.87 4.37
N ASN A 398 28.21 11.36 3.88
CA ASN A 398 29.23 10.47 3.35
C ASN A 398 30.61 11.07 3.70
N GLY A 399 30.97 11.03 4.99
CA GLY A 399 32.19 11.67 5.55
C GLY A 399 31.88 12.64 6.69
N LYS A 400 32.66 12.59 7.78
CA LYS A 400 32.41 13.47 8.95
C LYS A 400 32.89 14.89 8.75
N THR A 401 33.87 15.06 7.89
CA THR A 401 34.31 16.37 7.56
C THR A 401 34.42 16.42 6.06
N SER A 402 34.46 17.64 5.56
CA SER A 402 34.55 17.91 4.16
C SER A 402 35.87 17.42 3.56
N THR A 403 36.88 17.21 4.40
CA THR A 403 38.18 16.74 3.94
C THR A 403 38.47 15.24 4.11
N ASP A 404 37.59 14.52 4.77
CA ASP A 404 37.74 13.05 4.91
C ASP A 404 37.58 12.37 3.56
N ALA A 405 38.20 11.23 3.41
CA ALA A 405 37.96 10.39 2.27
C ALA A 405 36.47 9.95 2.35
N PRO A 406 35.75 10.01 1.23
CA PRO A 406 34.38 9.50 1.26
C PRO A 406 34.36 7.99 1.61
N LEU A 407 33.54 7.61 2.56
CA LEU A 407 33.44 6.21 2.96
C LEU A 407 32.80 5.33 1.88
N LEU A 408 31.70 5.81 1.29
CA LEU A 408 31.00 5.07 0.25
C LEU A 408 31.41 5.61 -1.11
N PRO A 409 31.57 4.73 -2.10
CA PRO A 409 31.36 3.27 -1.98
C PRO A 409 32.46 2.53 -1.24
N LEU A 410 32.07 1.47 -0.54
CA LEU A 410 32.94 0.59 0.16
C LEU A 410 33.60 -0.41 -0.77
N PRO A 411 34.84 -0.84 -0.45
CA PRO A 411 35.47 -1.89 -1.27
C PRO A 411 34.91 -3.29 -0.96
N LYS A 412 34.67 -4.08 -2.01
CA LYS A 412 34.22 -5.48 -1.86
C LYS A 412 35.31 -6.43 -1.32
N LYS A 413 36.56 -6.02 -1.46
CA LYS A 413 37.70 -6.82 -1.03
C LYS A 413 38.34 -6.14 0.16
N ALA A 414 38.26 -6.79 1.31
CA ALA A 414 38.89 -6.32 2.55
C ALA A 414 39.16 -7.53 3.41
N PRO A 415 40.17 -7.48 4.32
CA PRO A 415 40.45 -8.73 5.03
C PRO A 415 39.28 -9.20 5.91
N LYS A 416 38.64 -8.28 6.61
CA LYS A 416 37.60 -8.62 7.55
C LYS A 416 36.70 -7.42 7.72
N ILE A 417 35.38 -7.64 7.69
CA ILE A 417 34.40 -6.57 7.84
C ILE A 417 33.35 -6.97 8.86
N LEU A 418 32.68 -5.98 9.45
CA LEU A 418 31.63 -6.21 10.44
C LEU A 418 30.27 -5.77 9.91
N VAL A 419 29.28 -6.63 10.06
CA VAL A 419 27.87 -6.29 9.82
C VAL A 419 27.19 -6.40 11.18
N ALA A 420 26.51 -5.33 11.57
CA ALA A 420 25.93 -5.24 12.91
C ALA A 420 24.57 -4.55 12.90
N GLY A 421 23.88 -4.71 14.01
CA GLY A 421 22.62 -4.02 14.25
C GLY A 421 21.39 -4.92 14.19
N SER A 422 20.36 -4.49 14.90
CA SER A 422 19.07 -5.17 14.97
C SER A 422 18.39 -5.36 13.61
N HIS A 423 18.74 -4.53 12.62
CA HIS A 423 18.09 -4.56 11.32
C HIS A 423 19.01 -5.13 10.23
N ALA A 424 20.19 -5.64 10.59
CA ALA A 424 21.10 -6.17 9.58
C ALA A 424 20.70 -7.53 9.05
N ASP A 425 20.03 -8.34 9.86
CA ASP A 425 19.64 -9.69 9.46
C ASP A 425 18.23 -9.98 9.95
N ASN A 426 17.28 -9.16 9.51
CA ASN A 426 15.90 -9.32 9.94
C ASN A 426 15.00 -8.90 8.78
N LEU A 427 14.54 -9.91 8.06
CA LEU A 427 13.76 -9.69 6.83
C LEU A 427 12.45 -8.98 7.15
N GLY A 428 11.76 -9.41 8.19
CA GLY A 428 10.52 -8.75 8.62
C GLY A 428 10.73 -7.25 8.89
N TYR A 429 11.80 -6.89 9.58
CA TYR A 429 12.04 -5.47 9.86
C TYR A 429 12.30 -4.68 8.59
N GLN A 430 13.03 -5.26 7.64
CA GLN A 430 13.32 -4.52 6.40
C GLN A 430 12.11 -4.38 5.47
N CYS A 431 11.10 -5.22 5.66
CA CYS A 431 9.83 -5.12 4.94
C CYS A 431 8.83 -4.17 5.61
N GLY A 432 8.83 -4.11 6.93
CA GLY A 432 7.92 -3.25 7.68
C GLY A 432 6.48 -3.75 7.61
N GLY A 433 5.53 -2.85 7.86
CA GLY A 433 4.12 -3.25 7.96
C GLY A 433 3.56 -3.79 6.65
N TRP A 434 2.36 -4.34 6.73
CA TRP A 434 1.70 -4.95 5.57
C TRP A 434 2.62 -5.95 4.88
N THR A 435 3.21 -6.85 5.68
CA THR A 435 4.02 -7.93 5.15
C THR A 435 3.69 -9.18 5.98
N ILE A 436 2.97 -10.10 5.36
CA ILE A 436 2.48 -11.35 5.97
C ILE A 436 1.36 -11.10 6.97
N GLU A 437 1.59 -10.19 7.94
CA GLU A 437 0.54 -9.63 8.78
C GLU A 437 0.33 -8.16 8.51
N ALA A 438 -0.80 -7.60 8.96
CA ALA A 438 -1.01 -6.17 8.82
C ALA A 438 0.05 -5.35 9.47
N GLN A 439 0.39 -5.70 10.72
CA GLN A 439 1.41 -4.99 11.48
C GLN A 439 2.84 -5.37 11.10
N GLY A 440 2.99 -6.25 10.11
CA GLY A 440 4.28 -6.88 9.85
C GLY A 440 4.70 -7.79 10.98
N ASP A 441 5.98 -8.16 11.00
CA ASP A 441 6.50 -9.15 11.95
C ASP A 441 8.01 -9.12 11.93
N THR A 442 8.60 -9.93 12.79
CA THR A 442 10.05 -10.00 12.96
C THR A 442 10.58 -11.29 12.38
N GLY A 443 11.79 -11.23 11.81
CA GLY A 443 12.53 -12.42 11.42
C GLY A 443 12.24 -12.89 10.01
N ARG A 444 12.39 -14.20 9.77
CA ARG A 444 12.42 -14.71 8.42
C ARG A 444 10.98 -15.11 8.05
N THR A 445 10.16 -14.11 7.74
CA THR A 445 8.73 -14.32 7.58
C THR A 445 8.29 -14.68 6.16
N THR A 446 9.20 -14.52 5.21
CA THR A 446 8.94 -14.82 3.81
C THR A 446 10.27 -15.11 3.09
N VAL A 447 10.25 -15.18 1.76
CA VAL A 447 11.47 -15.43 0.99
C VAL A 447 12.12 -14.08 0.64
N GLY A 448 13.40 -13.95 0.94
CA GLY A 448 14.11 -12.73 0.65
C GLY A 448 15.57 -12.79 1.04
N THR A 449 16.21 -11.64 0.99
CA THR A 449 17.64 -11.51 1.26
C THR A 449 17.80 -10.34 2.24
N THR A 450 18.29 -10.63 3.44
CA THR A 450 18.58 -9.58 4.42
C THR A 450 19.82 -8.80 4.05
N ILE A 451 20.12 -7.75 4.80
CA ILE A 451 21.30 -6.94 4.50
C ILE A 451 22.56 -7.79 4.69
N LEU A 452 22.60 -8.58 5.75
CA LEU A 452 23.74 -9.48 5.98
C LEU A 452 23.96 -10.44 4.82
N GLU A 453 22.88 -11.09 4.40
CA GLU A 453 22.94 -12.03 3.26
C GLU A 453 23.40 -11.35 1.98
N ALA A 454 22.93 -10.14 1.75
CA ALA A 454 23.34 -9.32 0.61
C ALA A 454 24.84 -8.97 0.64
N VAL A 455 25.35 -8.62 1.84
CA VAL A 455 26.77 -8.35 2.00
C VAL A 455 27.57 -9.62 1.66
N LYS A 456 27.17 -10.75 2.22
CA LYS A 456 27.90 -11.98 1.94
C LYS A 456 27.87 -12.34 0.44
N ALA A 457 26.79 -11.99 -0.24
CA ALA A 457 26.64 -12.29 -1.69
C ALA A 457 27.43 -11.33 -2.56
N ALA A 458 27.82 -10.18 -2.01
CA ALA A 458 28.46 -9.11 -2.76
C ALA A 458 29.99 -9.12 -2.68
N VAL A 459 30.53 -9.47 -1.51
CA VAL A 459 31.96 -9.25 -1.26
C VAL A 459 32.85 -10.30 -1.95
N ASP A 460 34.11 -9.94 -2.14
CA ASP A 460 35.13 -10.83 -2.69
C ASP A 460 35.19 -12.09 -1.83
N PRO A 461 35.54 -13.24 -2.41
CA PRO A 461 35.64 -14.46 -1.61
C PRO A 461 36.65 -14.42 -0.47
N SER A 462 37.66 -13.57 -0.60
CA SER A 462 38.64 -13.44 0.48
C SER A 462 38.19 -12.55 1.65
N THR A 463 37.07 -11.85 1.49
CA THR A 463 36.58 -10.98 2.55
C THR A 463 35.85 -11.79 3.63
N VAL A 464 36.33 -11.74 4.86
CA VAL A 464 35.67 -12.41 5.97
C VAL A 464 34.59 -11.49 6.50
N VAL A 465 33.36 -12.00 6.58
CA VAL A 465 32.23 -11.20 7.07
C VAL A 465 31.84 -11.71 8.45
N VAL A 466 31.92 -10.83 9.44
CA VAL A 466 31.48 -11.16 10.79
C VAL A 466 30.16 -10.47 11.08
N PHE A 467 29.19 -11.20 11.62
CA PHE A 467 27.93 -10.62 12.11
C PHE A 467 27.92 -10.61 13.64
N ALA A 468 27.54 -9.47 14.22
CA ALA A 468 27.25 -9.35 15.64
C ALA A 468 26.08 -8.39 15.76
N GLU A 469 24.96 -8.82 16.34
CA GLU A 469 23.78 -7.97 16.37
C GLU A 469 23.98 -6.70 17.18
N ASN A 470 24.59 -6.84 18.36
CA ASN A 470 24.80 -5.70 19.24
C ASN A 470 26.16 -5.80 19.95
N PRO A 471 27.25 -5.64 19.18
CA PRO A 471 28.59 -5.77 19.76
C PRO A 471 28.95 -4.59 20.68
N ASP A 472 29.77 -4.83 21.69
CA ASP A 472 30.28 -3.72 22.51
C ASP A 472 31.52 -3.09 21.88
N ALA A 473 31.92 -1.94 22.41
CA ALA A 473 32.99 -1.15 21.85
C ALA A 473 34.28 -1.94 21.77
N GLU A 474 34.53 -2.78 22.78
CA GLU A 474 35.78 -3.55 22.83
C GLU A 474 35.82 -4.61 21.73
N PHE A 475 34.70 -5.30 21.51
CA PHE A 475 34.60 -6.26 20.43
C PHE A 475 34.99 -5.65 19.11
N VAL A 476 34.50 -4.45 18.85
CA VAL A 476 34.80 -3.76 17.61
C VAL A 476 36.25 -3.35 17.52
N LYS A 477 36.77 -2.74 18.58
CA LYS A 477 38.14 -2.24 18.59
C LYS A 477 39.19 -3.35 18.43
N SER A 478 38.87 -4.52 18.97
CA SER A 478 39.75 -5.69 18.92
C SER A 478 39.59 -6.55 17.69
N GLY A 479 38.61 -6.24 16.84
CA GLY A 479 38.23 -7.18 15.79
C GLY A 479 39.02 -7.21 14.51
N GLY A 480 39.90 -6.23 14.31
CA GLY A 480 40.65 -6.15 13.08
C GLY A 480 39.79 -5.90 11.85
N PHE A 481 38.76 -5.10 12.01
CA PHE A 481 37.82 -4.82 10.92
C PHE A 481 38.27 -3.65 10.04
N SER A 482 37.99 -3.76 8.75
CA SER A 482 38.31 -2.68 7.81
C SER A 482 37.29 -1.57 7.85
N TYR A 483 36.03 -1.97 8.05
CA TYR A 483 34.90 -1.05 8.16
C TYR A 483 33.70 -1.85 8.70
N ALA A 484 32.63 -1.14 9.05
CA ALA A 484 31.40 -1.81 9.47
C ALA A 484 30.21 -1.26 8.72
N ILE A 485 29.23 -2.13 8.51
CA ILE A 485 27.89 -1.74 8.07
C ILE A 485 26.94 -2.03 9.22
N VAL A 486 26.26 -1.01 9.72
CA VAL A 486 25.39 -1.13 10.88
C VAL A 486 23.96 -0.68 10.53
N ALA A 487 22.98 -1.57 10.73
CA ALA A 487 21.60 -1.29 10.35
C ALA A 487 20.70 -1.34 11.56
N VAL A 488 19.92 -0.27 11.72
CA VAL A 488 19.04 -0.03 12.86
C VAL A 488 17.81 0.69 12.37
N GLY A 489 16.83 0.84 13.24
CA GLY A 489 15.65 1.59 12.86
C GLY A 489 14.34 1.20 13.55
N GLU A 490 13.24 1.53 12.89
CA GLU A 490 11.89 1.28 13.41
C GLU A 490 11.50 -0.17 13.29
N HIS A 491 10.64 -0.59 14.21
CA HIS A 491 9.99 -1.90 14.10
C HIS A 491 8.78 -1.79 13.19
N PRO A 492 8.28 -2.93 12.68
CA PRO A 492 7.14 -2.81 11.76
C PRO A 492 5.84 -2.33 12.43
N TYR A 493 5.02 -1.61 11.70
CA TYR A 493 3.74 -1.12 12.23
C TYR A 493 2.82 -0.75 11.08
N THR A 494 1.55 -0.59 11.42
CA THR A 494 0.61 0.10 10.54
C THR A 494 -0.54 0.68 11.32
N GLU A 495 -1.29 1.53 10.64
CA GLU A 495 -2.47 2.18 11.20
C GLU A 495 -2.15 2.81 12.54
N THR A 496 -3.08 2.74 13.49
CA THR A 496 -2.96 3.55 14.72
C THR A 496 -1.80 3.12 15.60
N LYS A 497 -1.46 1.84 15.57
CA LYS A 497 -0.27 1.37 16.31
C LYS A 497 1.03 2.11 15.88
N GLY A 498 1.06 2.60 14.64
CA GLY A 498 2.21 3.36 14.16
C GLY A 498 2.25 4.84 14.54
N ASP A 499 1.14 5.38 15.03
CA ASP A 499 1.09 6.79 15.41
C ASP A 499 2.13 6.94 16.54
N ASN A 500 2.95 7.99 16.47
CA ASN A 500 4.11 8.10 17.33
C ASN A 500 4.46 9.57 17.45
N LEU A 501 4.33 10.09 18.66
CA LEU A 501 4.61 11.51 18.92
C LEU A 501 6.09 11.84 19.13
N ASN A 502 6.95 10.86 19.37
CA ASN A 502 8.37 11.18 19.64
C ASN A 502 9.36 10.83 18.53
N LEU A 503 9.00 9.87 17.68
CA LEU A 503 9.78 9.54 16.48
C LEU A 503 11.27 9.30 16.77
N THR A 504 11.54 8.60 17.87
CA THR A 504 12.89 8.18 18.20
C THR A 504 12.96 6.66 18.01
N ILE A 505 14.04 6.17 17.44
CA ILE A 505 14.08 4.74 17.18
C ILE A 505 14.29 3.95 18.48
N PRO A 506 13.77 2.70 18.52
CA PRO A 506 13.97 1.90 19.72
C PRO A 506 15.43 1.55 19.94
N GLU A 507 15.77 1.41 21.20
CA GLU A 507 17.07 0.89 21.58
C GLU A 507 17.02 -0.63 21.73
N PRO A 508 18.15 -1.32 21.49
CA PRO A 508 19.42 -0.75 21.14
C PRO A 508 19.39 -0.46 19.61
N GLY A 509 19.83 0.72 19.30
CA GLY A 509 19.92 1.19 17.93
C GLY A 509 21.04 2.19 17.93
N LEU A 510 20.77 3.36 18.51
CA LEU A 510 21.82 4.36 18.69
C LEU A 510 23.00 3.82 19.46
N SER A 511 22.77 3.09 20.55
CA SER A 511 23.91 2.60 21.35
C SER A 511 24.83 1.70 20.50
N THR A 512 24.24 0.87 19.64
CA THR A 512 25.05 0.00 18.77
C THR A 512 25.82 0.78 17.72
N VAL A 513 25.17 1.77 17.12
CA VAL A 513 25.86 2.64 16.16
C VAL A 513 27.04 3.33 16.87
N GLN A 514 26.83 3.84 18.08
CA GLN A 514 27.93 4.53 18.79
C GLN A 514 29.10 3.59 19.10
N ALA A 515 28.78 2.37 19.52
CA ALA A 515 29.82 1.36 19.83
C ALA A 515 30.61 0.95 18.60
N VAL A 516 29.91 0.72 17.51
CA VAL A 516 30.55 0.31 16.28
C VAL A 516 31.39 1.42 15.64
N CYS A 517 30.77 2.57 15.45
CA CYS A 517 31.42 3.71 14.79
C CYS A 517 32.56 4.27 15.65
N GLY A 518 32.46 4.10 16.96
CA GLY A 518 33.55 4.47 17.88
C GLY A 518 34.84 3.70 17.64
N GLY A 519 34.71 2.48 17.10
CA GLY A 519 35.85 1.59 16.88
C GLY A 519 36.37 1.43 15.45
N VAL A 520 35.52 1.68 14.46
CA VAL A 520 35.90 1.51 13.07
C VAL A 520 35.04 2.40 12.19
N ARG A 521 35.54 2.76 11.01
CA ARG A 521 34.74 3.58 10.09
C ARG A 521 33.46 2.80 9.79
N CYS A 522 32.34 3.49 9.70
CA CYS A 522 31.03 2.83 9.63
C CYS A 522 30.06 3.50 8.68
N ALA A 523 29.25 2.68 8.00
CA ALA A 523 28.13 3.14 7.21
C ALA A 523 26.85 2.67 7.94
N THR A 524 26.04 3.62 8.36
CA THR A 524 24.79 3.33 9.06
C THR A 524 23.67 3.30 8.06
N VAL A 525 22.92 2.20 8.08
CA VAL A 525 21.73 2.06 7.25
C VAL A 525 20.52 2.17 8.17
N LEU A 526 19.73 3.22 7.99
CA LEU A 526 18.56 3.50 8.80
C LEU A 526 17.31 3.00 8.10
N ILE A 527 16.61 2.04 8.73
CA ILE A 527 15.36 1.44 8.24
C ILE A 527 14.23 2.13 8.98
N SER A 528 13.36 2.80 8.25
CA SER A 528 12.26 3.51 8.87
C SER A 528 11.16 3.78 7.88
N GLY A 529 9.97 4.07 8.39
CA GLY A 529 8.83 4.40 7.52
C GLY A 529 8.68 5.91 7.24
N ARG A 530 9.63 6.68 7.77
CA ARG A 530 9.49 8.12 7.89
C ARG A 530 10.77 8.70 8.47
N PRO A 531 10.94 10.03 8.35
CA PRO A 531 12.00 10.64 9.14
C PRO A 531 11.79 10.39 10.62
N VAL A 532 12.91 10.18 11.31
CA VAL A 532 12.97 9.99 12.72
C VAL A 532 14.11 10.86 13.26
N VAL A 533 14.13 11.10 14.57
CA VAL A 533 15.21 11.86 15.19
C VAL A 533 16.56 11.25 14.78
N VAL A 534 17.41 12.02 14.10
CA VAL A 534 18.58 11.46 13.45
C VAL A 534 19.91 12.15 13.77
N GLN A 535 19.91 13.31 14.44
CA GLN A 535 21.17 13.97 14.73
C GLN A 535 22.17 13.08 15.50
N PRO A 536 21.71 12.35 16.53
CA PRO A 536 22.71 11.53 17.24
C PRO A 536 23.29 10.41 16.39
N LEU A 537 22.45 9.79 15.56
CA LEU A 537 22.95 8.78 14.60
C LEU A 537 23.97 9.41 13.62
N LEU A 538 23.65 10.59 13.10
CA LEU A 538 24.56 11.28 12.19
C LEU A 538 25.90 11.59 12.87
N ALA A 539 25.84 12.09 14.10
CA ALA A 539 27.07 12.51 14.76
C ALA A 539 28.04 11.36 14.93
N ALA A 540 27.54 10.15 15.16
CA ALA A 540 28.40 8.99 15.34
C ALA A 540 28.95 8.44 14.02
N SER A 541 28.21 8.62 12.93
CA SER A 541 28.46 7.88 11.70
C SER A 541 29.36 8.58 10.68
N ASP A 542 30.20 7.83 10.00
CA ASP A 542 30.94 8.35 8.85
C ASP A 542 30.00 8.56 7.66
N ALA A 543 29.17 7.56 7.38
CA ALA A 543 28.15 7.67 6.36
C ALA A 543 26.82 7.17 6.91
N LEU A 544 25.72 7.76 6.42
CA LEU A 544 24.39 7.36 6.83
C LEU A 544 23.45 7.40 5.63
N VAL A 545 22.67 6.32 5.50
CA VAL A 545 21.73 6.14 4.42
C VAL A 545 20.33 5.97 5.00
N ALA A 546 19.38 6.75 4.51
CA ALA A 546 17.94 6.54 4.78
C ALA A 546 17.42 5.52 3.77
N ALA A 547 17.23 4.27 4.22
CA ALA A 547 16.81 3.19 3.31
C ALA A 547 15.32 2.90 3.33
N TRP A 548 14.56 3.63 4.15
CA TRP A 548 13.12 3.49 4.28
C TRP A 548 12.78 2.03 4.64
N LEU A 549 11.80 1.44 3.97
CA LEU A 549 11.38 0.04 4.20
C LEU A 549 11.55 -0.67 2.84
N PRO A 550 12.76 -1.13 2.54
CA PRO A 550 13.11 -1.49 1.16
C PRO A 550 12.55 -2.81 0.63
N GLY A 551 11.99 -3.64 1.49
CA GLY A 551 11.32 -4.86 1.05
C GLY A 551 12.19 -6.11 1.12
N SER A 552 11.83 -7.10 0.29
CA SER A 552 12.49 -8.40 0.37
C SER A 552 13.89 -8.46 -0.22
N GLU A 553 14.22 -7.52 -1.10
CA GLU A 553 15.46 -7.60 -1.88
C GLU A 553 16.56 -6.70 -1.31
N GLY A 554 17.18 -7.19 -0.24
CA GLY A 554 18.26 -6.49 0.43
C GLY A 554 19.48 -6.17 -0.40
N GLN A 555 19.69 -6.90 -1.50
CA GLN A 555 20.78 -6.61 -2.41
C GLN A 555 20.67 -5.20 -3.03
N GLY A 556 19.47 -4.62 -3.06
CA GLY A 556 19.34 -3.20 -3.43
C GLY A 556 20.15 -2.24 -2.58
N VAL A 557 20.26 -2.56 -1.30
CA VAL A 557 21.04 -1.78 -0.37
C VAL A 557 22.55 -1.90 -0.69
N THR A 558 23.02 -3.14 -0.80
CA THR A 558 24.45 -3.38 -1.08
C THR A 558 24.85 -2.96 -2.49
N ASP A 559 23.92 -2.98 -3.46
CA ASP A 559 24.21 -2.45 -4.82
C ASP A 559 24.75 -1.01 -4.77
N ALA A 560 24.23 -0.21 -3.85
CA ALA A 560 24.70 1.17 -3.67
C ALA A 560 25.88 1.27 -2.68
N LEU A 561 25.85 0.51 -1.60
CA LEU A 561 26.95 0.54 -0.62
C LEU A 561 28.32 0.21 -1.24
N PHE A 562 28.36 -0.75 -2.15
CA PHE A 562 29.60 -1.23 -2.76
C PHE A 562 29.85 -0.64 -4.15
N GLY A 563 29.01 0.31 -4.56
CA GLY A 563 29.29 1.11 -5.76
C GLY A 563 28.95 0.48 -7.12
N ASP A 564 28.18 -0.60 -7.14
CA ASP A 564 27.65 -1.13 -8.41
C ASP A 564 26.80 -0.09 -9.10
N PHE A 565 26.07 0.70 -8.31
CA PHE A 565 25.33 1.87 -8.80
C PHE A 565 25.60 3.04 -7.88
N GLY A 566 25.44 4.25 -8.39
CA GLY A 566 25.57 5.43 -7.53
C GLY A 566 24.29 5.69 -6.77
N PHE A 567 24.38 6.40 -5.64
CA PHE A 567 23.19 6.89 -4.94
C PHE A 567 22.52 7.98 -5.73
N THR A 568 21.20 7.89 -5.88
CA THR A 568 20.42 8.88 -6.65
C THR A 568 19.17 9.36 -5.93
N GLY A 569 18.75 8.66 -4.86
CA GLY A 569 17.49 9.00 -4.18
C GLY A 569 17.53 10.41 -3.59
N ARG A 570 16.37 11.07 -3.56
CA ARG A 570 16.21 12.37 -2.93
C ARG A 570 15.02 12.37 -1.97
N LEU A 571 15.17 13.04 -0.84
CA LEU A 571 14.10 13.01 0.16
C LEU A 571 12.75 13.41 -0.42
N PRO A 572 11.74 12.54 -0.24
CA PRO A 572 10.38 12.88 -0.67
C PRO A 572 9.58 13.57 0.43
N ARG A 573 10.24 13.87 1.54
CA ARG A 573 9.65 14.47 2.73
C ARG A 573 10.68 15.37 3.36
N THR A 574 10.21 16.35 4.12
CA THR A 574 11.09 17.14 4.98
C THR A 574 11.66 16.28 6.11
N TRP A 575 12.94 16.41 6.41
CA TRP A 575 13.50 15.87 7.63
C TRP A 575 13.59 16.97 8.67
N PHE A 576 12.78 16.82 9.72
CA PHE A 576 12.70 17.80 10.83
C PHE A 576 13.92 17.77 11.72
N LYS A 577 14.16 18.90 12.39
CA LYS A 577 15.15 18.93 13.45
C LYS A 577 14.62 18.36 14.75
N SER A 578 13.34 18.61 15.04
CA SER A 578 12.72 18.09 16.27
C SER A 578 11.22 17.94 16.04
N VAL A 579 10.58 17.06 16.79
CA VAL A 579 9.15 16.82 16.61
C VAL A 579 8.31 18.00 17.07
N ASP A 580 8.91 18.86 17.91
CA ASP A 580 8.23 20.11 18.29
C ASP A 580 7.96 21.04 17.13
N GLN A 581 8.70 20.88 16.04
CA GLN A 581 8.42 21.67 14.83
C GLN A 581 7.16 21.24 14.05
N LEU A 582 6.69 20.02 14.31
CA LEU A 582 5.68 19.43 13.45
C LEU A 582 4.27 20.01 13.73
N PRO A 583 3.44 20.14 12.68
CA PRO A 583 3.79 19.81 11.28
C PRO A 583 4.65 20.88 10.60
N MET A 584 5.53 20.43 9.71
CA MET A 584 6.42 21.36 9.00
C MET A 584 6.70 20.80 7.60
N ASN A 585 6.16 21.47 6.57
CA ASN A 585 6.28 20.98 5.18
C ASN A 585 6.91 22.00 4.22
N VAL A 586 7.56 21.51 3.15
CA VAL A 586 8.12 22.44 2.15
C VAL A 586 7.08 23.46 1.75
N GLY A 587 7.51 24.70 1.64
CA GLY A 587 6.62 25.81 1.34
C GLY A 587 6.03 26.50 2.54
N ASP A 588 6.21 25.95 3.75
CA ASP A 588 5.68 26.60 4.97
C ASP A 588 6.43 27.90 5.21
N ALA A 589 5.82 28.78 5.99
CA ALA A 589 6.46 30.05 6.35
C ALA A 589 7.72 29.86 7.20
N HIS A 590 7.63 29.09 8.28
CA HIS A 590 8.75 29.02 9.25
C HIS A 590 9.74 27.85 8.95
N TYR A 591 9.86 27.47 7.70
CA TYR A 591 10.55 26.22 7.29
C TYR A 591 12.02 26.16 7.73
N ASP A 592 12.31 25.27 8.70
CA ASP A 592 13.63 25.13 9.31
C ASP A 592 14.02 23.64 9.41
N PRO A 593 14.23 23.01 8.27
CA PRO A 593 14.49 21.55 8.23
C PRO A 593 15.92 21.21 8.59
N LEU A 594 16.13 19.99 9.10
CA LEU A 594 17.46 19.42 9.12
C LEU A 594 17.95 19.12 7.70
N PHE A 595 17.08 18.50 6.90
CA PHE A 595 17.30 18.27 5.49
C PHE A 595 16.02 18.63 4.77
N ARG A 596 16.10 19.53 3.79
CA ARG A 596 14.91 19.92 3.02
C ARG A 596 14.43 18.78 2.11
N LEU A 597 13.15 18.82 1.78
CA LEU A 597 12.61 17.97 0.72
C LEU A 597 13.48 18.14 -0.52
N GLY A 598 13.85 17.02 -1.14
CA GLY A 598 14.71 17.04 -2.34
C GLY A 598 16.18 16.83 -2.06
N TYR A 599 16.58 16.87 -0.81
CA TYR A 599 17.99 16.67 -0.44
C TYR A 599 18.43 15.22 -0.70
N GLY A 600 19.61 15.06 -1.25
CA GLY A 600 20.23 13.73 -1.28
C GLY A 600 21.62 13.86 -1.86
N LEU A 601 22.60 13.29 -1.19
CA LEU A 601 23.96 13.25 -1.71
C LEU A 601 24.05 12.17 -2.77
N THR A 602 25.04 12.28 -3.64
CA THR A 602 25.23 11.30 -4.70
C THR A 602 26.59 10.65 -4.61
N THR A 603 26.72 9.49 -5.26
CA THR A 603 28.01 8.86 -5.50
C THR A 603 28.01 8.45 -6.95
N ASN A 604 29.18 8.10 -7.44
CA ASN A 604 29.29 7.49 -8.77
C ASN A 604 29.57 6.01 -8.64
N ALA A 605 29.09 5.24 -9.61
CA ALA A 605 29.40 3.81 -9.64
C ALA A 605 30.94 3.55 -9.67
N THR A 606 31.40 2.51 -8.95
CA THR A 606 32.81 2.09 -8.91
C THR A 606 33.21 1.56 -10.27
C1 NAG B . -9.62 12.53 17.56
C2 NAG B . -11.06 12.06 17.44
C3 NAG B . -11.70 12.23 18.81
C4 NAG B . -10.86 11.49 19.86
C5 NAG B . -9.40 11.97 19.80
C6 NAG B . -8.48 11.30 20.83
C7 NAG B . -12.12 12.38 15.22
C8 NAG B . -12.83 13.34 14.33
N2 NAG B . -11.75 12.85 16.43
O3 NAG B . -13.02 11.75 18.75
O4 NAG B . -11.39 11.68 21.16
O5 NAG B . -8.92 11.72 18.48
O6 NAG B . -8.61 9.90 20.73
O7 NAG B . -11.93 11.25 14.79
C1 NAG C . 30.96 12.25 -9.82
C2 NAG C . 32.35 12.77 -9.54
C3 NAG C . 32.34 14.27 -9.87
C4 NAG C . 31.83 14.48 -11.31
C5 NAG C . 30.52 13.72 -11.56
C6 NAG C . 29.98 13.83 -12.99
C7 NAG C . 33.56 11.35 -7.91
C8 NAG C . 33.92 11.08 -6.47
N2 NAG C . 32.78 12.42 -8.18
O3 NAG C . 33.65 14.76 -9.75
O4 NAG C . 31.61 15.84 -11.60
O5 NAG C . 30.71 12.35 -11.20
O6 NAG C . 30.95 13.42 -13.92
O7 NAG C . 33.99 10.59 -8.77
C1 NAG D . 7.40 6.57 21.49
C2 NAG D . 7.86 5.93 22.79
C3 NAG D . 7.62 4.42 22.73
C4 NAG D . 6.19 4.15 22.29
C5 NAG D . 5.91 4.86 20.96
C6 NAG D . 4.54 4.55 20.33
C7 NAG D . 9.67 7.25 23.83
C8 NAG D . 11.15 7.49 23.94
N2 NAG D . 9.27 6.27 23.01
O3 NAG D . 7.92 3.84 23.98
O4 NAG D . 5.99 2.76 22.16
O5 NAG D . 6.07 6.25 21.16
O6 NAG D . 3.65 5.61 20.54
O7 NAG D . 8.89 7.94 24.48
C1 LAM E . -8.12 -0.89 6.93
C2 LAM E . -7.19 0.04 6.18
O2 LAM E . -7.54 1.37 6.62
C3 LAM E . -7.36 -0.06 4.66
O3 LAM E . -6.31 0.65 3.96
C4 LAM E . -7.37 -1.54 4.23
O4 LAM E . -7.53 -1.53 2.83
C5 LAM E . -8.58 -2.24 4.98
O5 LAM E . -8.33 -2.16 6.40
C6 LAM E . -8.72 -3.72 4.47
O6 LAM E . -7.54 -4.41 4.94
C1A LAM E . -9.43 -2.42 12.01
C2A LAM E . -8.59 -1.44 11.15
C3A LAM E . -8.52 -1.96 9.69
C4A LAM E . -8.01 -3.40 9.62
C5A LAM E . -8.88 -4.22 10.61
C6A LAM E . -8.55 -5.72 10.54
O1A LAM E . -9.58 -2.04 13.38
O2A LAM E . -9.18 -0.12 11.17
O4A LAM E . -8.32 -3.94 8.33
S3A LAM E . -7.65 -0.82 8.67
O5A LAM E . -8.76 -3.70 11.95
O6A LAM E . -7.18 -5.89 10.76
C ACT F . 19.26 21.43 4.10
O ACT F . 18.74 20.77 3.20
OXT ACT F . 20.39 21.12 4.59
CH3 ACT F . 18.53 22.63 4.64
C ACT G . -15.52 5.21 20.17
O ACT G . -15.35 4.09 19.66
OXT ACT G . -15.66 6.23 19.46
CH3 ACT G . -15.61 5.33 21.66
C1 GOL H . -37.37 -10.03 -10.21
O1 GOL H . -37.67 -9.11 -9.15
C2 GOL H . -38.02 -9.51 -11.49
O2 GOL H . -37.37 -10.14 -12.58
C3 GOL H . -37.87 -8.00 -11.62
O3 GOL H . -36.51 -7.63 -11.62
C1 GOL I . -7.90 4.52 6.61
O1 GOL I . -8.99 5.27 6.07
C2 GOL I . -6.90 5.44 7.30
O2 GOL I . -6.64 4.92 8.61
C3 GOL I . -7.44 6.86 7.26
O3 GOL I . -7.88 7.28 8.55
C1 GOL J . 15.30 -15.44 -4.41
O1 GOL J . 15.94 -15.73 -5.67
C2 GOL J . 15.96 -14.18 -3.86
O2 GOL J . 17.36 -14.39 -3.71
C3 GOL J . 15.41 -13.69 -2.55
O3 GOL J . 15.90 -12.33 -2.40
C1 GOL K . 8.22 1.43 15.65
O1 GOL K . 9.57 1.21 16.16
C2 GOL K . 7.08 1.43 16.70
O2 GOL K . 6.71 0.06 16.97
C3 GOL K . 5.78 2.13 16.27
O3 GOL K . 5.89 3.57 16.15
S SO4 L . -37.52 5.21 -5.80
O1 SO4 L . -38.26 4.45 -6.85
O2 SO4 L . -37.56 4.39 -4.57
O3 SO4 L . -38.14 6.55 -5.57
O4 SO4 L . -36.17 5.45 -6.42
OH2 1PE M . -22.33 11.98 -16.32
C12 1PE M . -22.99 13.07 -15.65
C22 1PE M . -23.17 12.76 -14.17
OH3 1PE M . -23.25 13.94 -13.38
C23 1PE M . -24.59 14.32 -13.00
OH2 1PE N . -22.30 7.46 -17.63
C12 1PE N . -21.21 6.77 -18.26
C22 1PE N . -21.76 5.79 -19.28
OH3 1PE N . -20.72 5.53 -20.23
C23 1PE N . -21.20 5.17 -21.53
OH2 1PE O . -20.70 0.31 -22.74
C12 1PE O . -19.88 0.10 -23.88
C22 1PE O . -18.53 -0.50 -23.53
OH3 1PE O . -18.40 -1.87 -23.94
C13 1PE O . -17.85 -2.20 -26.29
C23 1PE O . -17.34 -2.19 -24.84
OH4 1PE O . -18.60 -1.01 -26.54
C15 1PE P . 6.28 -7.75 -15.00
OH6 1PE P . 6.45 -9.04 -15.63
C16 1PE P . 7.71 -11.07 -16.07
C26 1PE P . 7.77 -9.57 -15.72
OH7 1PE P . 6.67 -11.80 -15.37
OH2 1PE Q . -13.28 -1.98 15.16
C12 1PE Q . -14.22 -1.10 15.81
C22 1PE Q . -15.40 -0.75 14.90
OH3 1PE Q . -16.59 -0.64 15.68
C13 1PE Q . -17.55 -2.51 16.91
C23 1PE Q . -17.55 -1.71 15.60
OH4 1PE Q . -18.86 -3.07 17.09
#